data_4QIT
#
_entry.id   4QIT
#
_cell.length_a   70.189
_cell.length_b   56.851
_cell.length_c   87.307
_cell.angle_alpha   90.00
_cell.angle_beta   97.08
_cell.angle_gamma   90.00
#
_symmetry.space_group_name_H-M   'P 1 21 1'
#
loop_
_entity.id
_entity.type
_entity.pdbx_description
1 polymer 'Nitronate monooxygenase family protein'
2 non-polymer 'FLAVIN MONONUCLEOTIDE'
3 non-polymer nitroethane
4 water water
#
_entity_poly.entity_id   1
_entity_poly.type   'polypeptide(L)'
_entity_poly.pdbx_seq_one_letter_code
;HHHHHHMTDRFTRLLGIQQPIIQAPMLGVSTPALAAAVSNAGGLGSIAITGSAAEKGRALIREVRGLTDKPFNVNLFCHR
PGQADPARERAWLDYLKPLFAEFGAEPPVRLKNIYLSFLEDPTLLPMLLEERPAAVSFHFGAPPRDQVRALQAVGIRVLV
CATTPEEAALVEAAGADAVVAQGIEAGGSRGVFEPERGDAAIGTLALVRLLAARGSLPVVAAGGIMDGRGIRAALELGAS
AVQMGTAFVLCPESSANAAYREALKGPRAARTALTVTMSGRSARGLPNRMFFDAAAPGVPPLPDYPFVYDATKALQTAAL
ARGNHDFAAQWAGQGAALARELPAAELLRTLVEELRG
;
_entity_poly.pdbx_strand_id   A,B
#
# COMPACT_ATOMS: atom_id res chain seq x y z
N MET A 7 -13.95 21.11 2.25
CA MET A 7 -13.05 20.57 3.28
C MET A 7 -11.71 21.30 3.30
N THR A 8 -11.21 21.71 2.13
CA THR A 8 -9.97 22.47 2.10
C THR A 8 -10.16 23.89 2.62
N ASP A 9 -11.33 24.48 2.37
CA ASP A 9 -11.63 25.79 2.95
C ASP A 9 -11.54 25.71 4.47
N ARG A 10 -12.11 24.66 5.05
CA ARG A 10 -12.10 24.50 6.49
C ARG A 10 -10.68 24.37 7.02
N PHE A 11 -9.87 23.56 6.35
CA PHE A 11 -8.52 23.30 6.84
C PHE A 11 -7.59 24.50 6.70
N THR A 12 -7.64 25.13 5.54
CA THR A 12 -6.81 26.30 5.30
C THR A 12 -7.16 27.41 6.29
N ARG A 13 -8.45 27.56 6.62
CA ARG A 13 -8.86 28.55 7.60
C ARG A 13 -8.36 28.18 8.99
N LEU A 14 -8.40 26.88 9.31
CA LEU A 14 -7.97 26.40 10.62
C LEU A 14 -6.49 26.69 10.83
N LEU A 15 -5.69 26.43 9.80
CA LEU A 15 -4.30 26.81 9.86
C LEU A 15 -4.25 28.23 9.33
N GLY A 16 -3.12 28.88 9.32
CA GLY A 16 -3.25 30.27 8.91
C GLY A 16 -3.06 30.51 7.43
N ILE A 17 -3.45 29.55 6.58
CA ILE A 17 -2.81 29.43 5.26
C ILE A 17 -3.73 29.52 4.06
N GLN A 18 -3.15 29.64 2.87
CA GLN A 18 -3.92 29.78 1.64
C GLN A 18 -4.15 28.46 0.90
N GLN A 19 -3.20 27.52 1.00
CA GLN A 19 -3.25 26.29 0.21
C GLN A 19 -3.20 25.07 1.11
N PRO A 20 -3.98 24.03 0.78
CA PRO A 20 -4.07 22.85 1.67
C PRO A 20 -2.94 21.86 1.41
N ILE A 21 -1.71 22.35 1.47
CA ILE A 21 -0.54 21.53 1.13
C ILE A 21 0.50 21.74 2.21
N ILE A 22 0.86 20.65 2.89
CA ILE A 22 1.90 20.68 3.89
C ILE A 22 3.14 20.05 3.30
N GLN A 23 4.27 20.76 3.34
CA GLN A 23 5.55 20.14 3.01
C GLN A 23 5.99 19.37 4.25
N ALA A 24 6.17 18.06 4.11
CA ALA A 24 6.38 17.19 5.27
C ALA A 24 7.63 17.54 6.06
N PRO A 25 7.52 17.51 7.40
CA PRO A 25 8.76 17.60 8.17
C PRO A 25 9.56 16.34 7.89
N MET A 26 10.85 16.53 7.70
CA MET A 26 11.72 15.46 7.27
C MET A 26 13.04 15.63 7.96
N LEU A 27 13.23 14.91 9.06
CA LEU A 27 14.44 15.08 9.84
C LEU A 27 15.68 14.79 8.98
N GLY A 28 16.58 15.77 8.92
CA GLY A 28 17.78 15.68 8.11
C GLY A 28 17.62 16.19 6.68
N VAL A 29 16.39 16.51 6.29
CA VAL A 29 16.11 16.97 4.92
C VAL A 29 15.39 18.31 4.88
N SER A 30 14.34 18.48 5.68
CA SER A 30 13.72 19.79 5.76
C SER A 30 14.67 20.76 6.47
N THR A 31 14.50 22.04 6.17
CA THR A 31 15.34 23.10 6.71
C THR A 31 14.45 24.32 6.93
N PRO A 32 14.91 25.30 7.72
CA PRO A 32 14.15 26.55 7.79
C PRO A 32 13.93 27.20 6.41
N ALA A 33 14.92 27.15 5.53
CA ALA A 33 14.76 27.70 4.18
C ALA A 33 13.63 27.01 3.41
N LEU A 34 13.58 25.67 3.48
CA LEU A 34 12.54 24.93 2.77
C LEU A 34 11.16 25.27 3.33
N ALA A 35 11.04 25.23 4.67
CA ALA A 35 9.79 25.51 5.35
C ALA A 35 9.30 26.92 5.01
N ALA A 36 10.20 27.90 5.06
CA ALA A 36 9.79 29.28 4.84
C ALA A 36 9.35 29.50 3.39
N ALA A 37 10.04 28.85 2.46
CA ALA A 37 9.68 28.96 1.05
C ALA A 37 8.26 28.45 0.79
N VAL A 38 7.93 27.29 1.37
CA VAL A 38 6.59 26.72 1.20
C VAL A 38 5.52 27.58 1.89
N SER A 39 5.79 28.03 3.10
CA SER A 39 4.86 28.91 3.80
C SER A 39 4.68 30.23 3.06
N ASN A 40 5.77 30.84 2.60
CA ASN A 40 5.66 32.06 1.81
C ASN A 40 4.82 31.87 0.54
N ALA A 41 4.96 30.71 -0.10
CA ALA A 41 4.23 30.44 -1.33
C ALA A 41 2.75 30.15 -1.08
N GLY A 42 2.38 29.88 0.17
CA GLY A 42 0.99 29.74 0.52
C GLY A 42 0.57 28.44 1.19
N GLY A 43 1.50 27.50 1.29
CA GLY A 43 1.22 26.24 1.97
C GLY A 43 1.71 26.26 3.41
N LEU A 44 1.93 25.07 3.97
CA LEU A 44 2.44 24.97 5.34
C LEU A 44 3.81 24.33 5.32
N GLY A 45 4.86 25.13 5.51
CA GLY A 45 6.21 24.60 5.60
C GLY A 45 6.36 23.88 6.93
N SER A 46 7.32 22.96 6.99
CA SER A 46 7.55 22.19 8.22
C SER A 46 9.02 21.99 8.52
N ILE A 47 9.35 21.96 9.80
CA ILE A 47 10.65 21.49 10.25
C ILE A 47 10.50 20.39 11.30
N ALA A 48 11.55 19.58 11.42
CA ALA A 48 11.60 18.50 12.40
C ALA A 48 12.69 18.83 13.43
N ILE A 49 12.35 18.73 14.71
CA ILE A 49 13.20 19.26 15.78
C ILE A 49 13.69 18.17 16.74
N THR A 50 13.21 16.95 16.56
CA THR A 50 13.67 15.83 17.38
C THR A 50 15.17 15.60 17.20
N GLY A 51 15.86 15.23 18.28
CA GLY A 51 17.28 14.98 18.20
C GLY A 51 18.10 16.20 18.54
N SER A 52 17.43 17.33 18.74
CA SER A 52 18.10 18.57 19.16
C SER A 52 17.68 18.93 20.57
N ALA A 53 18.59 19.53 21.32
CA ALA A 53 18.24 20.10 22.62
C ALA A 53 17.18 21.17 22.42
N ALA A 54 16.34 21.37 23.43
CA ALA A 54 15.20 22.28 23.31
C ALA A 54 15.59 23.69 22.84
N GLU A 55 16.74 24.18 23.33
CA GLU A 55 17.20 25.50 22.94
C GLU A 55 17.67 25.56 21.49
N LYS A 56 18.15 24.45 20.96
CA LYS A 56 18.50 24.37 19.53
C LYS A 56 17.21 24.36 18.70
N GLY A 57 16.22 23.62 19.17
CA GLY A 57 14.90 23.62 18.55
C GLY A 57 14.34 25.04 18.52
N ARG A 58 14.50 25.75 19.64
CA ARG A 58 14.05 27.13 19.72
C ARG A 58 14.71 27.98 18.63
N ALA A 59 16.02 27.81 18.46
CA ALA A 59 16.76 28.60 17.48
C ALA A 59 16.28 28.31 16.07
N LEU A 60 15.99 27.04 15.79
CA LEU A 60 15.47 26.63 14.49
C LEU A 60 14.11 27.25 14.18
N ILE A 61 13.25 27.30 15.18
CA ILE A 61 11.93 27.92 15.02
C ILE A 61 12.10 29.40 14.72
N ARG A 62 13.04 30.04 15.43
CA ARG A 62 13.29 31.46 15.20
C ARG A 62 13.90 31.71 13.84
N GLU A 63 14.71 30.77 13.34
CA GLU A 63 15.25 30.91 12.00
C GLU A 63 14.14 30.93 10.95
N VAL A 64 13.17 30.03 11.09
CA VAL A 64 12.03 30.02 10.17
C VAL A 64 11.30 31.35 10.19
N ARG A 65 11.07 31.88 11.39
CA ARG A 65 10.36 33.16 11.55
C ARG A 65 11.11 34.34 10.95
N GLY A 66 12.43 34.22 10.84
CA GLY A 66 13.23 35.24 10.21
C GLY A 66 13.11 35.21 8.70
N LEU A 67 12.50 34.14 8.18
CA LEU A 67 12.40 33.93 6.73
C LEU A 67 10.95 33.96 6.21
N THR A 68 9.98 33.83 7.11
CA THR A 68 8.56 33.90 6.73
C THR A 68 7.70 34.49 7.85
N ASP A 69 6.67 35.24 7.47
CA ASP A 69 5.67 35.74 8.41
C ASP A 69 4.50 34.78 8.55
N LYS A 70 4.48 33.75 7.70
CA LYS A 70 3.35 32.87 7.59
C LYS A 70 3.44 31.64 8.53
N PRO A 71 2.31 30.95 8.75
CA PRO A 71 2.29 29.77 9.61
C PRO A 71 3.23 28.68 9.13
N PHE A 72 3.83 27.96 10.08
CA PHE A 72 4.61 26.77 9.78
C PHE A 72 4.42 25.73 10.87
N ASN A 73 4.94 24.54 10.60
CA ASN A 73 4.68 23.33 11.38
C ASN A 73 6.00 22.85 11.99
N VAL A 74 5.96 22.52 13.28
CA VAL A 74 7.12 22.01 13.99
C VAL A 74 6.83 20.60 14.45
N ASN A 75 7.66 19.64 14.05
CA ASN A 75 7.37 18.23 14.26
C ASN A 75 8.28 17.59 15.31
N LEU A 76 7.68 16.78 16.18
CA LEU A 76 8.43 16.03 17.20
C LEU A 76 8.04 14.56 17.19
N PHE A 77 9.04 13.70 17.35
CA PHE A 77 8.77 12.28 17.51
C PHE A 77 8.20 12.02 18.90
N CYS A 78 7.23 11.12 18.97
CA CYS A 78 6.52 10.82 20.20
C CYS A 78 6.46 9.30 20.37
N HIS A 79 7.57 8.64 20.06
CA HIS A 79 7.70 7.20 20.23
C HIS A 79 7.75 6.82 21.71
N ARG A 80 7.53 5.52 21.98
CA ARG A 80 7.85 4.97 23.30
C ARG A 80 9.33 5.20 23.53
N PRO A 81 9.70 5.79 24.69
CA PRO A 81 11.12 6.02 24.95
C PRO A 81 11.95 4.75 24.80
N GLY A 82 13.08 4.86 24.09
CA GLY A 82 13.90 3.70 23.81
C GLY A 82 14.41 3.07 25.10
N GLN A 83 14.47 1.75 25.11
CA GLN A 83 14.99 1.02 26.26
C GLN A 83 16.38 0.50 25.97
N ALA A 84 17.36 1.06 26.67
CA ALA A 84 18.75 0.66 26.48
C ALA A 84 18.91 -0.80 26.85
N ASP A 85 19.75 -1.50 26.09
CA ASP A 85 20.03 -2.92 26.29
C ASP A 85 21.47 -3.14 25.86
N PRO A 86 22.43 -2.84 26.75
CA PRO A 86 23.85 -2.87 26.40
C PRO A 86 24.31 -4.20 25.79
N ALA A 87 23.82 -5.32 26.33
CA ALA A 87 24.21 -6.63 25.78
C ALA A 87 23.74 -6.79 24.35
N ARG A 88 22.47 -6.45 24.10
CA ARG A 88 21.91 -6.57 22.76
C ARG A 88 22.58 -5.60 21.80
N GLU A 89 22.88 -4.40 22.29
CA GLU A 89 23.58 -3.41 21.47
C GLU A 89 25.02 -3.86 21.17
N ARG A 90 25.67 -4.48 22.15
CA ARG A 90 27.03 -4.97 21.95
C ARG A 90 27.04 -6.04 20.86
N ALA A 91 26.06 -6.94 20.89
CA ALA A 91 25.96 -7.99 19.88
C ALA A 91 25.70 -7.42 18.48
N TRP A 92 24.90 -6.35 18.42
CA TRP A 92 24.59 -5.70 17.16
C TRP A 92 25.85 -5.06 16.57
N LEU A 93 26.57 -4.31 17.40
CA LEU A 93 27.84 -3.71 16.99
C LEU A 93 28.84 -4.76 16.52
N ASP A 94 28.96 -5.87 17.25
CA ASP A 94 29.88 -6.94 16.84
C ASP A 94 29.51 -7.48 15.46
N TYR A 95 28.21 -7.61 15.21
CA TYR A 95 27.70 -8.05 13.92
C TYR A 95 28.08 -7.08 12.79
N LEU A 96 28.06 -5.78 13.09
CA LEU A 96 28.36 -4.74 12.11
C LEU A 96 29.86 -4.55 11.88
N LYS A 97 30.68 -5.18 12.72
CA LYS A 97 32.13 -4.96 12.70
C LYS A 97 32.81 -5.06 11.32
N PRO A 98 32.45 -6.09 10.52
CA PRO A 98 33.11 -6.16 9.20
C PRO A 98 32.77 -4.99 8.27
N LEU A 99 31.56 -4.43 8.39
CA LEU A 99 31.18 -3.27 7.60
C LEU A 99 32.02 -2.04 7.96
N PHE A 100 32.22 -1.82 9.25
CA PHE A 100 33.07 -0.72 9.68
C PHE A 100 34.49 -0.94 9.19
N ALA A 101 34.95 -2.19 9.24
CA ALA A 101 36.32 -2.54 8.87
C ALA A 101 36.62 -2.29 7.40
N GLU A 102 35.60 -2.39 6.54
CA GLU A 102 35.74 -2.05 5.12
C GLU A 102 36.27 -0.63 4.93
N PHE A 103 35.96 0.23 5.90
CA PHE A 103 36.30 1.64 5.80
C PHE A 103 37.37 2.02 6.82
N GLY A 104 38.06 0.99 7.33
CA GLY A 104 39.21 1.20 8.20
C GLY A 104 38.79 1.66 9.58
N ALA A 105 37.53 1.42 9.92
CA ALA A 105 36.97 1.94 11.16
C ALA A 105 36.57 0.81 12.11
N GLU A 106 36.33 1.18 13.36
CA GLU A 106 35.75 0.27 14.32
C GLU A 106 34.37 0.79 14.67
N PRO A 107 33.47 -0.10 15.15
CA PRO A 107 32.15 0.33 15.59
C PRO A 107 32.27 1.25 16.81
N PRO A 108 31.26 2.08 17.05
CA PRO A 108 31.28 2.91 18.26
C PRO A 108 31.36 2.03 19.51
N VAL A 109 31.92 2.55 20.60
CA VAL A 109 32.09 1.72 21.80
C VAL A 109 30.79 1.52 22.58
N ARG A 110 29.80 2.37 22.31
CA ARG A 110 28.51 2.29 22.97
C ARG A 110 27.49 3.05 22.13
N LEU A 111 26.21 2.74 22.33
CA LEU A 111 25.15 3.40 21.60
C LEU A 111 24.36 4.30 22.56
N LYS A 112 23.76 5.34 21.99
CA LYS A 112 23.07 6.36 22.78
C LYS A 112 21.63 6.57 22.29
N ASN A 113 20.80 7.10 23.19
CA ASN A 113 19.42 7.42 22.87
C ASN A 113 19.37 8.75 22.13
N ILE A 114 19.69 8.71 20.84
CA ILE A 114 19.95 9.95 20.10
C ILE A 114 18.71 10.79 19.80
N TYR A 115 17.55 10.16 19.77
CA TYR A 115 16.31 10.88 19.51
C TYR A 115 15.41 10.76 20.73
N LEU A 116 15.44 11.77 21.60
CA LEU A 116 14.58 11.73 22.77
C LEU A 116 13.13 11.96 22.35
N SER A 117 12.25 11.08 22.82
CA SER A 117 10.83 11.23 22.58
C SER A 117 10.29 12.44 23.33
N PHE A 118 9.20 13.00 22.80
CA PHE A 118 8.45 14.06 23.46
C PHE A 118 8.02 13.56 24.83
N LEU A 119 7.83 12.25 24.95
CA LEU A 119 7.39 11.64 26.21
C LEU A 119 8.49 11.54 27.26
N GLU A 120 9.74 11.79 26.88
CA GLU A 120 10.85 11.67 27.83
C GLU A 120 11.71 12.93 28.01
N ASP A 121 11.50 13.95 27.18
CA ASP A 121 12.24 15.19 27.33
C ASP A 121 11.29 16.30 27.78
N PRO A 122 11.28 16.59 29.09
CA PRO A 122 10.34 17.56 29.67
C PRO A 122 10.63 19.01 29.28
N THR A 123 11.74 19.28 28.60
CA THR A 123 12.07 20.64 28.22
C THR A 123 11.42 21.08 26.90
N LEU A 124 10.88 20.13 26.15
CA LEU A 124 10.33 20.45 24.83
C LEU A 124 9.00 21.21 24.88
N LEU A 125 8.05 20.71 25.68
CA LEU A 125 6.75 21.34 25.79
C LEU A 125 6.79 22.82 26.24
N PRO A 126 7.50 23.12 27.34
CA PRO A 126 7.50 24.54 27.69
C PRO A 126 8.16 25.43 26.64
N MET A 127 9.17 24.93 25.93
CA MET A 127 9.75 25.71 24.83
C MET A 127 8.73 26.00 23.73
N LEU A 128 7.94 25.00 23.37
CA LEU A 128 6.90 25.19 22.36
C LEU A 128 5.82 26.18 22.82
N LEU A 129 5.50 26.14 24.11
CA LEU A 129 4.47 27.03 24.66
C LEU A 129 4.96 28.48 24.63
N GLU A 130 6.26 28.67 24.71
CA GLU A 130 6.86 30.01 24.62
C GLU A 130 6.91 30.51 23.18
N GLU A 131 7.37 29.65 22.27
CA GLU A 131 7.59 30.06 20.88
C GLU A 131 6.32 30.10 20.04
N ARG A 132 5.35 29.26 20.39
CA ARG A 132 4.04 29.22 19.72
C ARG A 132 4.09 29.18 18.19
N PRO A 133 4.68 28.12 17.61
CA PRO A 133 4.52 27.95 16.17
C PRO A 133 3.06 27.70 15.86
N ALA A 134 2.62 28.01 14.64
CA ALA A 134 1.22 27.86 14.28
C ALA A 134 0.74 26.42 14.40
N ALA A 135 1.61 25.46 14.07
CA ALA A 135 1.27 24.06 14.18
C ALA A 135 2.38 23.24 14.81
N VAL A 136 1.98 22.28 15.64
CA VAL A 136 2.91 21.29 16.17
C VAL A 136 2.39 19.90 15.80
N SER A 137 3.26 19.07 15.23
CA SER A 137 2.87 17.73 14.80
C SER A 137 3.66 16.66 15.54
N PHE A 138 3.06 15.48 15.66
CA PHE A 138 3.68 14.36 16.36
C PHE A 138 3.67 13.10 15.51
N HIS A 139 4.77 12.35 15.61
CA HIS A 139 4.96 11.11 14.85
C HIS A 139 5.23 9.98 15.83
N PHE A 140 4.67 8.80 15.52
CA PHE A 140 4.84 7.56 16.30
C PHE A 140 3.87 7.40 17.46
N GLY A 141 3.14 8.46 17.80
CA GLY A 141 2.18 8.40 18.89
C GLY A 141 1.58 9.76 19.16
N ALA A 142 0.58 9.79 20.03
CA ALA A 142 -0.02 11.06 20.45
C ALA A 142 0.40 11.33 21.89
N PRO A 143 0.70 12.60 22.21
CA PRO A 143 0.99 12.94 23.60
C PRO A 143 -0.27 12.80 24.45
N PRO A 144 -0.11 12.79 25.78
CA PRO A 144 -1.30 12.83 26.64
C PRO A 144 -2.21 14.01 26.30
N ARG A 145 -3.52 13.82 26.52
CA ARG A 145 -4.52 14.83 26.22
C ARG A 145 -4.22 16.19 26.86
N ASP A 146 -3.73 16.17 28.10
CA ASP A 146 -3.48 17.42 28.82
C ASP A 146 -2.35 18.24 28.18
N GLN A 147 -1.39 17.56 27.55
CA GLN A 147 -0.31 18.25 26.85
C GLN A 147 -0.77 18.84 25.52
N VAL A 148 -1.58 18.08 24.78
CA VAL A 148 -2.21 18.57 23.55
C VAL A 148 -3.03 19.82 23.88
N ARG A 149 -3.78 19.76 24.97
CA ARG A 149 -4.57 20.90 25.43
C ARG A 149 -3.74 22.14 25.76
N ALA A 150 -2.60 21.91 26.41
CA ALA A 150 -1.71 23.01 26.79
C ALA A 150 -1.22 23.76 25.55
N LEU A 151 -0.87 23.02 24.51
CA LEU A 151 -0.45 23.63 23.24
C LEU A 151 -1.60 24.42 22.62
N GLN A 152 -2.78 23.84 22.63
CA GLN A 152 -3.95 24.47 22.04
C GLN A 152 -4.34 25.73 22.80
N ALA A 153 -4.06 25.75 24.10
CA ALA A 153 -4.40 26.88 24.96
C ALA A 153 -3.69 28.16 24.53
N VAL A 154 -2.52 28.03 23.90
CA VAL A 154 -1.80 29.21 23.41
C VAL A 154 -1.95 29.36 21.89
N GLY A 155 -2.95 28.69 21.32
CA GLY A 155 -3.33 28.91 19.94
C GLY A 155 -2.73 27.97 18.91
N ILE A 156 -1.89 27.04 19.36
CA ILE A 156 -1.23 26.10 18.46
C ILE A 156 -2.20 25.03 17.94
N ARG A 157 -2.17 24.76 16.64
CA ARG A 157 -2.92 23.65 16.07
C ARG A 157 -2.08 22.37 16.18
N VAL A 158 -2.69 21.26 16.60
CA VAL A 158 -1.95 20.02 16.85
C VAL A 158 -2.35 18.93 15.87
N LEU A 159 -1.35 18.39 15.16
CA LEU A 159 -1.57 17.28 14.23
C LEU A 159 -0.87 16.04 14.76
N VAL A 160 -1.45 14.86 14.51
CA VAL A 160 -0.77 13.61 14.83
C VAL A 160 -0.92 12.63 13.66
N CYS A 161 0.16 11.95 13.31
CA CYS A 161 0.11 10.95 12.27
C CYS A 161 -0.50 9.63 12.75
N ALA A 162 -1.32 9.01 11.91
CA ALA A 162 -1.86 7.68 12.20
C ALA A 162 -1.80 6.83 10.94
N THR A 163 -1.64 5.52 11.10
CA THR A 163 -1.58 4.60 9.95
C THR A 163 -2.79 3.69 9.84
N THR A 164 -3.66 3.72 10.84
CA THR A 164 -4.83 2.84 10.87
C THR A 164 -5.99 3.57 11.53
N PRO A 165 -7.22 3.09 11.29
CA PRO A 165 -8.38 3.64 12.00
C PRO A 165 -8.23 3.54 13.53
N GLU A 166 -7.61 2.48 14.02
CA GLU A 166 -7.40 2.34 15.46
C GLU A 166 -6.46 3.44 15.98
N GLU A 167 -5.39 3.72 15.25
CA GLU A 167 -4.50 4.80 15.65
C GLU A 167 -5.20 6.16 15.53
N ALA A 168 -6.04 6.31 14.51
CA ALA A 168 -6.81 7.55 14.34
C ALA A 168 -7.75 7.78 15.52
N ALA A 169 -8.32 6.71 16.07
CA ALA A 169 -9.18 6.83 17.24
C ALA A 169 -8.41 7.37 18.44
N LEU A 170 -7.15 6.96 18.57
CA LEU A 170 -6.30 7.45 19.65
C LEU A 170 -5.93 8.92 19.44
N VAL A 171 -5.76 9.32 18.18
CA VAL A 171 -5.49 10.72 17.89
C VAL A 171 -6.70 11.56 18.28
N GLU A 172 -7.89 11.05 17.98
CA GLU A 172 -9.13 11.74 18.35
C GLU A 172 -9.22 11.88 19.86
N ALA A 173 -8.92 10.80 20.58
CA ALA A 173 -9.00 10.81 22.04
C ALA A 173 -7.97 11.73 22.69
N ALA A 174 -6.87 11.98 21.98
CA ALA A 174 -5.83 12.89 22.46
C ALA A 174 -6.24 14.35 22.27
N GLY A 175 -7.29 14.58 21.49
CA GLY A 175 -7.82 15.91 21.30
C GLY A 175 -7.19 16.71 20.17
N ALA A 176 -6.47 16.04 19.26
CA ALA A 176 -5.78 16.74 18.17
C ALA A 176 -6.75 17.48 17.24
N ASP A 177 -6.23 18.49 16.56
CA ASP A 177 -7.01 19.24 15.58
C ASP A 177 -7.15 18.54 14.23
N ALA A 178 -6.19 17.67 13.90
CA ALA A 178 -6.24 16.93 12.65
C ALA A 178 -5.38 15.67 12.71
N VAL A 179 -5.74 14.70 11.86
CA VAL A 179 -4.98 13.47 11.76
C VAL A 179 -4.28 13.44 10.41
N VAL A 180 -2.99 13.11 10.43
CA VAL A 180 -2.24 12.91 9.19
C VAL A 180 -2.27 11.42 8.88
N ALA A 181 -3.04 11.07 7.85
CA ALA A 181 -3.23 9.67 7.47
C ALA A 181 -2.06 9.24 6.60
N GLN A 182 -1.16 8.46 7.18
CA GLN A 182 0.02 8.01 6.44
C GLN A 182 -0.19 6.64 5.82
N GLY A 183 -0.27 6.60 4.50
CA GLY A 183 -0.42 5.37 3.76
C GLY A 183 0.90 4.65 3.60
N ILE A 184 0.82 3.38 3.19
CA ILE A 184 1.99 2.54 3.00
C ILE A 184 2.97 3.14 1.98
N GLU A 185 2.44 3.96 1.07
CA GLU A 185 3.24 4.64 0.05
C GLU A 185 4.31 5.57 0.63
N ALA A 186 4.07 6.07 1.84
CA ALA A 186 4.89 7.16 2.37
C ALA A 186 6.34 6.82 2.51
N GLY A 187 7.18 7.83 2.27
CA GLY A 187 8.60 7.71 2.52
C GLY A 187 8.95 7.91 3.99
N GLY A 188 10.14 7.48 4.37
CA GLY A 188 10.63 7.68 5.73
C GLY A 188 9.98 6.74 6.72
N SER A 189 10.04 7.11 8.00
CA SER A 189 9.60 6.19 9.05
C SER A 189 8.08 6.00 9.04
N ARG A 190 7.65 4.75 9.16
CA ARG A 190 6.23 4.48 9.30
C ARG A 190 5.72 4.97 10.67
N GLY A 191 4.54 5.59 10.65
CA GLY A 191 4.00 6.18 11.88
C GLY A 191 3.32 5.20 12.81
N VAL A 192 3.56 3.90 12.61
CA VAL A 192 2.95 2.85 13.43
C VAL A 192 3.23 3.06 14.92
N PHE A 193 2.18 3.03 15.75
CA PHE A 193 2.33 3.33 17.18
C PHE A 193 3.10 2.22 17.90
N GLU A 194 2.68 0.99 17.66
CA GLU A 194 3.21 -0.18 18.38
C GLU A 194 3.58 -1.25 17.36
N PRO A 195 4.76 -1.12 16.76
CA PRO A 195 5.10 -2.04 15.67
C PRO A 195 5.24 -3.49 16.12
N GLU A 196 5.41 -3.73 17.42
CA GLU A 196 5.46 -5.11 17.93
C GLU A 196 4.13 -5.84 17.73
N ARG A 197 3.06 -5.09 17.52
CA ARG A 197 1.75 -5.69 17.24
C ARG A 197 1.55 -5.98 15.75
N GLY A 198 2.54 -5.62 14.96
CA GLY A 198 2.46 -5.80 13.51
C GLY A 198 2.19 -4.47 12.81
N ASP A 199 2.01 -4.55 11.50
CA ASP A 199 1.75 -3.36 10.68
C ASP A 199 0.67 -3.73 9.66
N ALA A 200 -0.50 -3.11 9.78
CA ALA A 200 -1.59 -3.39 8.84
C ALA A 200 -1.23 -2.94 7.42
N ALA A 201 -0.28 -2.02 7.29
CA ALA A 201 0.24 -1.59 5.99
C ALA A 201 -0.88 -1.23 5.00
N ILE A 202 -1.73 -0.29 5.41
CA ILE A 202 -2.87 0.15 4.61
C ILE A 202 -2.43 1.22 3.61
N GLY A 203 -2.84 1.07 2.37
CA GLY A 203 -2.49 2.03 1.33
C GLY A 203 -3.23 3.34 1.51
N THR A 204 -2.66 4.40 0.96
CA THR A 204 -3.24 5.74 1.09
C THR A 204 -4.71 5.81 0.64
N LEU A 205 -5.03 5.21 -0.51
CA LEU A 205 -6.37 5.32 -1.06
C LEU A 205 -7.39 4.70 -0.10
N ALA A 206 -7.07 3.57 0.50
CA ALA A 206 -7.98 2.98 1.48
C ALA A 206 -7.98 3.77 2.78
N LEU A 207 -6.79 4.10 3.29
CA LEU A 207 -6.70 4.75 4.60
C LEU A 207 -7.40 6.09 4.64
N VAL A 208 -7.17 6.93 3.65
CA VAL A 208 -7.79 8.25 3.61
C VAL A 208 -9.32 8.14 3.57
N ARG A 209 -9.83 7.25 2.73
CA ARG A 209 -11.27 7.07 2.63
C ARG A 209 -11.86 6.57 3.94
N LEU A 210 -11.19 5.62 4.58
CA LEU A 210 -11.66 5.06 5.85
C LEU A 210 -11.73 6.13 6.94
N LEU A 211 -10.68 6.94 7.04
CA LEU A 211 -10.65 7.97 8.05
C LEU A 211 -11.63 9.12 7.76
N ALA A 212 -11.79 9.49 6.48
CA ALA A 212 -12.73 10.55 6.11
C ALA A 212 -14.16 10.08 6.34
N ALA A 213 -14.43 8.80 6.05
CA ALA A 213 -15.76 8.24 6.27
C ALA A 213 -16.16 8.29 7.74
N ARG A 214 -15.20 8.55 8.62
CA ARG A 214 -15.45 8.65 10.06
C ARG A 214 -16.05 10.01 10.47
N GLY A 215 -15.97 10.99 9.56
CA GLY A 215 -16.62 12.27 9.74
C GLY A 215 -16.25 13.03 11.01
N SER A 216 -15.06 12.74 11.54
CA SER A 216 -14.61 13.39 12.77
C SER A 216 -13.54 14.44 12.46
N LEU A 217 -12.27 14.05 12.65
CA LEU A 217 -11.16 14.97 12.42
C LEU A 217 -10.90 15.21 10.93
N PRO A 218 -10.48 16.43 10.60
CA PRO A 218 -9.94 16.68 9.26
C PRO A 218 -8.79 15.71 9.00
N VAL A 219 -8.76 15.17 7.79
CA VAL A 219 -7.76 14.17 7.41
C VAL A 219 -6.76 14.77 6.43
N VAL A 220 -5.49 14.71 6.79
CA VAL A 220 -4.41 15.15 5.90
C VAL A 220 -3.83 13.91 5.25
N ALA A 221 -3.96 13.78 3.93
CA ALA A 221 -3.47 12.58 3.21
C ALA A 221 -1.95 12.64 3.03
N ALA A 222 -1.25 11.56 3.41
CA ALA A 222 0.20 11.52 3.29
C ALA A 222 0.63 10.18 2.72
N GLY A 223 1.37 10.21 1.62
CA GLY A 223 1.94 9.00 1.07
C GLY A 223 1.66 8.81 -0.41
N GLY A 224 2.69 9.06 -1.21
CA GLY A 224 2.63 8.81 -2.64
C GLY A 224 2.11 9.94 -3.49
N ILE A 225 1.80 11.08 -2.86
CA ILE A 225 1.24 12.22 -3.58
C ILE A 225 2.37 13.11 -4.12
N MET A 226 2.40 13.30 -5.44
CA MET A 226 3.56 13.93 -6.10
C MET A 226 3.16 15.07 -7.04
N ASP A 227 1.86 15.23 -7.27
CA ASP A 227 1.39 16.22 -8.23
C ASP A 227 -0.06 16.62 -7.93
N GLY A 228 -0.58 17.60 -8.67
CA GLY A 228 -1.93 18.05 -8.39
C GLY A 228 -3.01 17.01 -8.62
N ARG A 229 -2.80 16.11 -9.56
CA ARG A 229 -3.72 14.98 -9.76
C ARG A 229 -3.83 14.13 -8.48
N GLY A 230 -2.68 13.86 -7.85
CA GLY A 230 -2.67 13.17 -6.56
C GLY A 230 -3.41 13.94 -5.47
N ILE A 231 -3.23 15.26 -5.44
CA ILE A 231 -3.95 16.09 -4.49
C ILE A 231 -5.46 16.03 -4.73
N ARG A 232 -5.88 16.16 -5.99
CA ARG A 232 -7.28 16.09 -6.34
C ARG A 232 -7.86 14.74 -5.94
N ALA A 233 -7.10 13.67 -6.15
CA ALA A 233 -7.59 12.33 -5.77
C ALA A 233 -7.78 12.24 -4.26
N ALA A 234 -6.82 12.74 -3.50
CA ALA A 234 -6.93 12.76 -2.03
C ALA A 234 -8.18 13.51 -1.59
N LEU A 235 -8.44 14.65 -2.23
CA LEU A 235 -9.63 15.42 -1.89
C LEU A 235 -10.92 14.67 -2.25
N GLU A 236 -10.94 13.97 -3.39
CA GLU A 236 -12.10 13.15 -3.73
C GLU A 236 -12.36 12.10 -2.66
N LEU A 237 -11.29 11.59 -2.04
CA LEU A 237 -11.44 10.54 -1.02
C LEU A 237 -11.97 11.09 0.30
N GLY A 238 -11.97 12.41 0.43
CA GLY A 238 -12.47 13.07 1.62
C GLY A 238 -11.42 13.79 2.45
N ALA A 239 -10.17 13.85 1.98
CA ALA A 239 -9.13 14.54 2.74
C ALA A 239 -9.40 16.04 2.77
N SER A 240 -8.89 16.70 3.80
CA SER A 240 -8.98 18.15 3.90
C SER A 240 -7.70 18.85 3.45
N ALA A 241 -6.62 18.07 3.29
CA ALA A 241 -5.33 18.60 2.88
C ALA A 241 -4.42 17.44 2.52
N VAL A 242 -3.21 17.75 2.04
CA VAL A 242 -2.20 16.73 1.77
C VAL A 242 -0.89 17.10 2.46
N GLN A 243 -0.09 16.08 2.75
CA GLN A 243 1.26 16.27 3.27
C GLN A 243 2.20 15.50 2.35
N MET A 244 3.22 16.20 1.87
CA MET A 244 4.09 15.69 0.81
C MET A 244 5.55 15.85 1.21
N GLY A 245 6.28 14.73 1.26
CA GLY A 245 7.68 14.75 1.63
C GLY A 245 8.58 14.57 0.42
N THR A 246 8.49 13.39 -0.21
CA THR A 246 9.38 13.05 -1.32
C THR A 246 9.40 14.12 -2.41
N ALA A 247 8.24 14.73 -2.68
CA ALA A 247 8.15 15.78 -3.71
C ALA A 247 9.06 16.98 -3.44
N PHE A 248 9.40 17.22 -2.17
CA PHE A 248 10.19 18.40 -1.80
C PHE A 248 11.67 18.10 -1.57
N VAL A 249 12.05 16.81 -1.63
CA VAL A 249 13.42 16.43 -1.34
C VAL A 249 14.44 17.06 -2.29
N LEU A 250 14.11 17.10 -3.58
CA LEU A 250 15.01 17.67 -4.59
C LEU A 250 15.02 19.20 -4.64
N CYS A 251 14.18 19.85 -3.85
CA CYS A 251 14.20 21.31 -3.80
C CYS A 251 15.58 21.76 -3.35
N PRO A 252 16.10 22.84 -3.93
CA PRO A 252 17.42 23.35 -3.58
C PRO A 252 17.49 23.80 -2.13
N GLU A 253 16.34 24.14 -1.54
CA GLU A 253 16.28 24.58 -0.14
C GLU A 253 16.42 23.43 0.85
N SER A 254 16.25 22.19 0.42
CA SER A 254 16.36 21.07 1.35
C SER A 254 17.82 20.79 1.67
N SER A 255 18.07 20.00 2.72
CA SER A 255 19.45 19.62 3.04
C SER A 255 19.85 18.23 2.57
N ALA A 256 19.14 17.68 1.59
CA ALA A 256 19.57 16.43 0.96
C ALA A 256 20.96 16.67 0.37
N ASN A 257 21.86 15.71 0.54
CA ASN A 257 23.17 15.88 -0.07
C ASN A 257 23.18 15.48 -1.55
N ALA A 258 24.30 15.69 -2.22
CA ALA A 258 24.39 15.42 -3.65
C ALA A 258 24.09 13.97 -3.99
N ALA A 259 24.57 13.05 -3.17
CA ALA A 259 24.34 11.64 -3.46
C ALA A 259 22.85 11.29 -3.38
N TYR A 260 22.17 11.87 -2.39
CA TYR A 260 20.73 11.65 -2.21
C TYR A 260 19.97 12.18 -3.43
N ARG A 261 20.30 13.39 -3.87
CA ARG A 261 19.66 13.98 -5.04
C ARG A 261 19.90 13.14 -6.29
N GLU A 262 21.15 12.75 -6.51
CA GLU A 262 21.49 11.88 -7.65
C GLU A 262 20.72 10.55 -7.60
N ALA A 263 20.66 9.94 -6.42
CA ALA A 263 19.93 8.69 -6.21
C ALA A 263 18.45 8.84 -6.58
N LEU A 264 17.83 9.92 -6.10
CA LEU A 264 16.40 10.12 -6.29
C LEU A 264 16.07 10.52 -7.74
N LYS A 265 17.01 11.18 -8.41
CA LYS A 265 16.81 11.54 -9.82
C LYS A 265 17.00 10.38 -10.80
N GLY A 266 17.79 9.37 -10.41
CA GLY A 266 18.17 8.32 -11.34
C GLY A 266 17.34 7.07 -11.26
N PRO A 267 17.87 5.95 -11.81
CA PRO A 267 17.08 4.72 -11.94
C PRO A 267 16.71 4.06 -10.61
N ARG A 268 17.45 4.35 -9.53
CA ARG A 268 17.09 3.76 -8.25
C ARG A 268 15.71 4.20 -7.77
N ALA A 269 15.22 5.34 -8.27
CA ALA A 269 13.90 5.83 -7.88
C ALA A 269 12.77 4.91 -8.32
N ALA A 270 13.08 3.95 -9.18
CA ALA A 270 12.07 2.99 -9.64
C ALA A 270 11.62 2.04 -8.55
N ARG A 271 12.37 1.91 -7.46
CA ARG A 271 11.96 0.96 -6.43
C ARG A 271 12.34 1.41 -5.02
N THR A 272 11.35 1.48 -4.15
CA THR A 272 11.59 1.71 -2.72
C THR A 272 11.30 0.43 -1.94
N ALA A 273 11.79 0.38 -0.71
CA ALA A 273 11.52 -0.77 0.16
C ALA A 273 11.49 -0.33 1.60
N LEU A 274 10.89 -1.16 2.44
CA LEU A 274 10.87 -0.95 3.88
C LEU A 274 12.04 -1.66 4.54
N THR A 275 12.61 -1.03 5.55
CA THR A 275 13.68 -1.64 6.32
C THR A 275 13.53 -1.29 7.80
N VAL A 276 13.87 -2.25 8.66
CA VAL A 276 13.98 -1.96 10.08
C VAL A 276 15.44 -1.92 10.53
N THR A 277 16.36 -2.30 9.65
CA THR A 277 17.77 -2.43 10.06
C THR A 277 18.55 -1.11 10.03
N MET A 278 18.00 -0.12 9.34
CA MET A 278 18.59 1.22 9.33
C MET A 278 18.46 1.93 10.68
N SER A 279 17.26 1.92 11.25
CA SER A 279 17.01 2.77 12.41
C SER A 279 16.43 2.03 13.60
N GLY A 280 15.94 0.81 13.37
CA GLY A 280 15.25 0.05 14.40
C GLY A 280 13.73 0.17 14.32
N ARG A 281 13.26 1.01 13.40
CA ARG A 281 11.82 1.18 13.15
C ARG A 281 11.60 1.14 11.65
N SER A 282 10.51 0.51 11.21
CA SER A 282 10.22 0.37 9.79
C SER A 282 10.18 1.73 9.08
N ALA A 283 10.90 1.83 7.97
CA ALA A 283 11.03 3.09 7.22
C ALA A 283 11.27 2.78 5.76
N ARG A 284 10.76 3.65 4.89
CA ARG A 284 10.81 3.42 3.45
C ARG A 284 11.84 4.30 2.75
N GLY A 285 12.71 3.68 1.97
CA GLY A 285 13.64 4.45 1.17
C GLY A 285 14.20 3.67 0.01
N LEU A 286 15.23 4.25 -0.62
CA LEU A 286 15.88 3.61 -1.77
C LEU A 286 16.88 2.57 -1.23
N PRO A 287 16.62 1.28 -1.49
CA PRO A 287 17.39 0.23 -0.81
C PRO A 287 18.89 0.25 -1.15
N ASN A 288 19.69 -0.04 -0.13
CA ASN A 288 21.13 -0.09 -0.28
C ASN A 288 21.69 -1.12 0.70
N ARG A 289 22.95 -0.98 1.09
CA ARG A 289 23.57 -2.01 1.94
C ARG A 289 23.02 -2.05 3.37
N MET A 290 22.37 -0.98 3.81
CA MET A 290 21.71 -0.99 5.10
C MET A 290 20.36 -1.68 5.11
N PHE A 291 19.89 -2.14 3.95
CA PHE A 291 18.59 -2.79 3.84
C PHE A 291 18.78 -4.30 3.78
N PHE A 292 18.90 -4.94 4.94
CA PHE A 292 19.03 -6.39 4.94
C PHE A 292 17.95 -7.09 5.78
N ASP A 293 17.94 -8.41 5.72
CA ASP A 293 16.93 -9.19 6.42
C ASP A 293 17.32 -9.39 7.88
N ALA A 294 16.57 -8.79 8.79
CA ALA A 294 16.83 -8.91 10.22
C ALA A 294 16.56 -10.32 10.73
N ALA A 295 15.84 -11.10 9.94
CA ALA A 295 15.46 -12.45 10.34
C ALA A 295 16.38 -13.52 9.75
N ALA A 296 17.36 -13.09 8.96
CA ALA A 296 18.30 -14.01 8.33
C ALA A 296 19.19 -14.71 9.36
N PRO A 297 19.64 -15.93 9.05
CA PRO A 297 20.50 -16.67 9.99
C PRO A 297 21.79 -15.93 10.30
N GLY A 298 22.14 -15.84 11.59
CA GLY A 298 23.34 -15.15 12.00
C GLY A 298 23.10 -13.74 12.49
N VAL A 299 21.97 -13.15 12.09
CA VAL A 299 21.64 -11.79 12.53
C VAL A 299 21.14 -11.80 13.97
N PRO A 300 21.84 -11.11 14.86
CA PRO A 300 21.43 -11.09 16.27
C PRO A 300 20.18 -10.23 16.45
N PRO A 301 19.51 -10.34 17.61
CA PRO A 301 18.29 -9.56 17.83
C PRO A 301 18.53 -8.06 17.70
N LEU A 302 17.55 -7.37 17.11
CA LEU A 302 17.66 -5.93 16.90
C LEU A 302 17.53 -5.17 18.22
N PRO A 303 18.46 -4.23 18.48
CA PRO A 303 18.25 -3.31 19.61
C PRO A 303 17.00 -2.43 19.39
N ASP A 304 16.65 -1.65 20.41
CA ASP A 304 15.46 -0.82 20.33
C ASP A 304 15.74 0.42 19.47
N TYR A 305 14.68 1.01 18.95
CA TYR A 305 14.75 2.34 18.39
C TYR A 305 14.92 3.35 19.55
N PRO A 306 15.79 4.36 19.39
CA PRO A 306 16.56 4.73 18.21
C PRO A 306 18.05 4.35 18.31
N PHE A 307 18.40 3.46 19.25
CA PHE A 307 19.77 3.02 19.42
C PHE A 307 20.34 2.43 18.14
N VAL A 308 19.53 1.67 17.41
CA VAL A 308 19.96 1.13 16.12
C VAL A 308 20.42 2.23 15.18
N TYR A 309 19.65 3.33 15.11
CA TYR A 309 20.05 4.43 14.23
C TYR A 309 21.38 5.06 14.64
N ASP A 310 21.67 5.08 15.94
CA ASP A 310 22.97 5.60 16.40
C ASP A 310 24.10 4.75 15.82
N ALA A 311 23.92 3.43 15.79
CA ALA A 311 24.92 2.54 15.23
C ALA A 311 25.06 2.79 13.72
N THR A 312 23.92 2.89 13.04
CA THR A 312 23.91 3.13 11.60
C THR A 312 24.56 4.46 11.25
N LYS A 313 24.27 5.50 12.03
CA LYS A 313 24.90 6.81 11.78
C LYS A 313 26.43 6.74 11.87
N ALA A 314 26.93 5.99 12.84
CA ALA A 314 28.36 5.77 12.95
C ALA A 314 28.92 5.10 11.69
N LEU A 315 28.21 4.09 11.17
CA LEU A 315 28.67 3.40 9.96
C LEU A 315 28.60 4.34 8.75
N GLN A 316 27.52 5.11 8.67
CA GLN A 316 27.37 6.10 7.61
C GLN A 316 28.53 7.07 7.61
N THR A 317 28.96 7.48 8.80
CA THR A 317 30.04 8.44 8.95
C THR A 317 31.35 7.83 8.45
N ALA A 318 31.58 6.57 8.80
CA ALA A 318 32.80 5.89 8.37
C ALA A 318 32.80 5.69 6.86
N ALA A 319 31.64 5.35 6.30
CA ALA A 319 31.55 5.14 4.86
C ALA A 319 31.74 6.46 4.12
N LEU A 320 31.10 7.52 4.62
CA LEU A 320 31.15 8.83 3.97
C LEU A 320 32.59 9.34 3.95
N ALA A 321 33.34 9.02 4.99
CA ALA A 321 34.73 9.46 5.10
C ALA A 321 35.65 8.77 4.09
N ARG A 322 35.12 7.78 3.37
CA ARG A 322 35.89 7.12 2.32
C ARG A 322 35.18 7.28 0.97
N GLY A 323 34.22 8.20 0.93
CA GLY A 323 33.50 8.53 -0.29
C GLY A 323 32.43 7.52 -0.69
N ASN A 324 32.04 6.67 0.27
CA ASN A 324 31.06 5.62 0.02
C ASN A 324 29.68 6.00 0.55
N HIS A 325 28.69 6.00 -0.35
CA HIS A 325 27.33 6.43 -0.03
C HIS A 325 26.35 5.27 0.04
N ASP A 326 26.85 4.05 0.08
CA ASP A 326 25.99 2.86 -0.01
C ASP A 326 25.27 2.50 1.29
N PHE A 327 25.43 3.32 2.33
CA PHE A 327 24.79 3.08 3.61
C PHE A 327 23.89 4.25 4.00
N ALA A 328 23.77 5.22 3.11
CA ALA A 328 23.00 6.44 3.37
C ALA A 328 21.52 6.21 3.62
N ALA A 329 20.92 7.13 4.36
CA ALA A 329 19.47 7.12 4.54
C ALA A 329 18.86 7.99 3.45
N GLN A 330 18.38 7.35 2.39
CA GLN A 330 17.82 8.06 1.26
C GLN A 330 16.35 7.75 1.18
N TRP A 331 15.59 8.37 2.09
CA TRP A 331 14.17 8.09 2.20
C TRP A 331 13.38 8.58 0.97
N ALA A 332 12.37 7.81 0.59
CA ALA A 332 11.56 8.14 -0.57
C ALA A 332 10.28 7.32 -0.54
N GLY A 333 9.17 7.94 -0.95
CA GLY A 333 7.88 7.27 -1.04
C GLY A 333 7.70 6.55 -2.37
N GLN A 334 6.57 5.87 -2.51
CA GLN A 334 6.36 5.03 -3.68
C GLN A 334 6.05 5.84 -4.95
N GLY A 335 5.90 7.15 -4.82
CA GLY A 335 5.81 8.02 -5.99
C GLY A 335 7.13 8.62 -6.40
N ALA A 336 8.23 8.05 -5.90
CA ALA A 336 9.58 8.60 -6.14
C ALA A 336 9.91 8.88 -7.60
N ALA A 337 9.47 8.01 -8.51
CA ALA A 337 9.80 8.19 -9.92
C ALA A 337 9.18 9.45 -10.52
N LEU A 338 8.23 10.04 -9.80
CA LEU A 338 7.58 11.26 -10.27
C LEU A 338 8.17 12.53 -9.66
N ALA A 339 9.29 12.38 -8.96
CA ALA A 339 9.98 13.52 -8.35
C ALA A 339 10.42 14.54 -9.39
N ARG A 340 10.33 15.81 -9.00
CA ARG A 340 10.77 16.93 -9.82
C ARG A 340 11.76 17.75 -8.99
N GLU A 341 12.62 18.48 -9.69
CA GLU A 341 13.64 19.33 -9.07
C GLU A 341 13.33 20.79 -9.36
N LEU A 342 12.71 21.47 -8.38
CA LEU A 342 12.32 22.86 -8.55
C LEU A 342 12.55 23.63 -7.26
N PRO A 343 12.78 24.95 -7.35
CA PRO A 343 12.72 25.78 -6.14
C PRO A 343 11.39 25.53 -5.45
N ALA A 344 11.39 25.46 -4.12
CA ALA A 344 10.20 25.04 -3.39
C ALA A 344 8.98 25.91 -3.63
N ALA A 345 9.18 27.22 -3.74
CA ALA A 345 8.08 28.13 -4.04
C ALA A 345 7.47 27.83 -5.41
N GLU A 346 8.33 27.59 -6.40
CA GLU A 346 7.85 27.17 -7.72
C GLU A 346 7.12 25.83 -7.66
N LEU A 347 7.64 24.90 -6.89
CA LEU A 347 6.94 23.61 -6.77
C LEU A 347 5.56 23.81 -6.14
N LEU A 348 5.48 24.57 -5.06
CA LEU A 348 4.19 24.85 -4.44
C LEU A 348 3.22 25.48 -5.46
N ARG A 349 3.67 26.51 -6.16
CA ARG A 349 2.91 27.18 -7.21
C ARG A 349 2.41 26.18 -8.26
N THR A 350 3.29 25.29 -8.69
CA THR A 350 2.99 24.30 -9.71
C THR A 350 1.94 23.31 -9.24
N LEU A 351 2.07 22.85 -8.00
CA LEU A 351 1.07 21.98 -7.40
C LEU A 351 -0.31 22.63 -7.33
N VAL A 352 -0.35 23.92 -7.00
CA VAL A 352 -1.62 24.63 -6.97
C VAL A 352 -2.26 24.75 -8.36
N GLU A 353 -1.44 25.03 -9.37
CA GLU A 353 -1.93 25.09 -10.75
C GLU A 353 -2.49 23.72 -11.15
N GLU A 354 -1.79 22.65 -10.79
CA GLU A 354 -2.23 21.31 -11.12
C GLU A 354 -3.51 20.94 -10.35
N LEU A 355 -3.62 21.42 -9.12
CA LEU A 355 -4.81 21.17 -8.29
C LEU A 355 -6.06 21.83 -8.87
N ARG A 356 -5.89 23.04 -9.42
CA ARG A 356 -7.02 23.75 -10.01
C ARG A 356 -7.54 23.06 -11.27
N THR B 8 -13.31 10.60 -18.82
CA THR B 8 -12.71 10.05 -20.03
C THR B 8 -13.52 8.85 -20.54
N ASP B 9 -13.59 8.72 -21.86
CA ASP B 9 -14.32 7.62 -22.47
C ASP B 9 -13.35 6.64 -23.08
N ARG B 10 -12.08 6.75 -22.68
CA ARG B 10 -11.04 5.91 -23.24
C ARG B 10 -11.35 4.42 -23.08
N PHE B 11 -11.70 4.00 -21.87
CA PHE B 11 -12.04 2.59 -21.65
C PHE B 11 -13.45 2.24 -22.12
N THR B 12 -14.43 3.10 -21.85
CA THR B 12 -15.81 2.79 -22.20
C THR B 12 -15.99 2.59 -23.71
N ARG B 13 -15.32 3.41 -24.50
CA ARG B 13 -15.40 3.27 -25.96
C ARG B 13 -14.64 2.03 -26.43
N LEU B 14 -13.57 1.68 -25.70
CA LEU B 14 -12.79 0.49 -26.03
C LEU B 14 -13.63 -0.77 -25.88
N LEU B 15 -14.54 -0.76 -24.91
CA LEU B 15 -15.30 -1.95 -24.62
C LEU B 15 -16.78 -1.90 -25.00
N GLY B 16 -17.22 -0.75 -25.51
CA GLY B 16 -18.60 -0.59 -25.90
C GLY B 16 -19.56 -0.66 -24.73
N ILE B 17 -19.15 -0.13 -23.60
CA ILE B 17 -19.98 -0.12 -22.39
C ILE B 17 -20.25 1.32 -21.97
N GLN B 18 -21.26 1.50 -21.13
CA GLN B 18 -21.65 2.85 -20.72
C GLN B 18 -20.88 3.41 -19.53
N GLN B 19 -20.46 2.52 -18.61
CA GLN B 19 -19.86 2.93 -17.35
C GLN B 19 -18.45 2.35 -17.20
N PRO B 20 -17.50 3.16 -16.71
CA PRO B 20 -16.10 2.76 -16.58
C PRO B 20 -15.86 1.92 -15.32
N ILE B 21 -16.67 0.89 -15.14
CA ILE B 21 -16.65 0.10 -13.92
C ILE B 21 -16.68 -1.37 -14.25
N ILE B 22 -15.66 -2.09 -13.83
CA ILE B 22 -15.60 -3.53 -14.01
C ILE B 22 -15.87 -4.20 -12.67
N GLN B 23 -16.83 -5.12 -12.63
CA GLN B 23 -16.99 -5.99 -11.48
C GLN B 23 -15.89 -7.05 -11.60
N ALA B 24 -15.02 -7.14 -10.60
CA ALA B 24 -13.82 -7.98 -10.74
C ALA B 24 -14.15 -9.45 -10.93
N PRO B 25 -13.38 -10.11 -11.81
CA PRO B 25 -13.50 -11.57 -11.84
C PRO B 25 -12.98 -12.10 -10.52
N MET B 26 -13.71 -13.05 -9.94
CA MET B 26 -13.39 -13.52 -8.60
C MET B 26 -13.64 -15.01 -8.51
N LEU B 27 -12.58 -15.80 -8.71
CA LEU B 27 -12.74 -17.25 -8.74
C LEU B 27 -13.39 -17.73 -7.45
N GLY B 28 -14.53 -18.39 -7.58
CA GLY B 28 -15.25 -18.89 -6.42
C GLY B 28 -16.29 -17.92 -5.87
N VAL B 29 -16.30 -16.70 -6.42
CA VAL B 29 -17.23 -15.67 -5.94
C VAL B 29 -18.05 -15.04 -7.07
N SER B 30 -17.40 -14.72 -8.19
CA SER B 30 -18.18 -14.22 -9.31
C SER B 30 -18.98 -15.37 -9.93
N THR B 31 -20.10 -15.03 -10.57
CA THR B 31 -20.98 -16.00 -11.21
C THR B 31 -21.45 -15.43 -12.53
N PRO B 32 -21.96 -16.29 -13.43
CA PRO B 32 -22.58 -15.71 -14.62
C PRO B 32 -23.69 -14.71 -14.28
N ALA B 33 -24.47 -15.00 -13.24
CA ALA B 33 -25.54 -14.09 -12.84
C ALA B 33 -25.03 -12.72 -12.39
N LEU B 34 -23.95 -12.71 -11.62
CA LEU B 34 -23.34 -11.45 -11.19
C LEU B 34 -22.83 -10.67 -12.40
N ALA B 35 -22.08 -11.34 -13.26
CA ALA B 35 -21.51 -10.71 -14.45
C ALA B 35 -22.61 -10.09 -15.32
N ALA B 36 -23.67 -10.87 -15.57
CA ALA B 36 -24.78 -10.40 -16.39
C ALA B 36 -25.50 -9.20 -15.76
N ALA B 37 -25.68 -9.21 -14.44
CA ALA B 37 -26.35 -8.11 -13.78
C ALA B 37 -25.56 -6.82 -13.98
N VAL B 38 -24.24 -6.90 -13.84
CA VAL B 38 -23.40 -5.73 -13.96
C VAL B 38 -23.34 -5.22 -15.39
N SER B 39 -23.20 -6.14 -16.33
CA SER B 39 -23.19 -5.79 -17.76
C SER B 39 -24.53 -5.21 -18.20
N ASN B 40 -25.62 -5.78 -17.71
CA ASN B 40 -26.95 -5.25 -18.06
C ASN B 40 -27.17 -3.86 -17.48
N ALA B 41 -26.51 -3.56 -16.36
CA ALA B 41 -26.63 -2.26 -15.71
C ALA B 41 -25.71 -1.21 -16.34
N GLY B 42 -24.83 -1.64 -17.25
CA GLY B 42 -24.02 -0.69 -18.00
C GLY B 42 -22.54 -0.74 -17.73
N GLY B 43 -22.12 -1.58 -16.78
CA GLY B 43 -20.70 -1.77 -16.52
C GLY B 43 -20.15 -2.98 -17.25
N LEU B 44 -19.01 -3.48 -16.81
CA LEU B 44 -18.45 -4.69 -17.37
C LEU B 44 -18.43 -5.80 -16.33
N GLY B 45 -19.37 -6.75 -16.46
CA GLY B 45 -19.38 -7.91 -15.60
C GLY B 45 -18.27 -8.87 -15.98
N SER B 46 -17.83 -9.70 -15.03
CA SER B 46 -16.73 -10.63 -15.28
C SER B 46 -16.95 -12.00 -14.64
N ILE B 47 -16.46 -13.03 -15.32
CA ILE B 47 -16.33 -14.35 -14.71
C ILE B 47 -14.90 -14.83 -14.79
N ALA B 48 -14.56 -15.78 -13.91
CA ALA B 48 -13.24 -16.38 -13.89
C ALA B 48 -13.43 -17.85 -14.21
N ILE B 49 -12.67 -18.37 -15.16
CA ILE B 49 -12.86 -19.76 -15.58
C ILE B 49 -11.66 -20.68 -15.37
N THR B 50 -10.61 -20.19 -14.73
CA THR B 50 -9.49 -21.06 -14.41
C THR B 50 -9.96 -22.15 -13.43
N GLY B 51 -9.40 -23.36 -13.57
CA GLY B 51 -9.75 -24.46 -12.72
C GLY B 51 -10.83 -25.33 -13.36
N SER B 52 -11.37 -24.85 -14.47
CA SER B 52 -12.37 -25.62 -15.23
C SER B 52 -11.80 -26.09 -16.57
N ALA B 53 -12.23 -27.26 -17.01
CA ALA B 53 -11.89 -27.70 -18.37
C ALA B 53 -12.45 -26.69 -19.35
N ALA B 54 -11.82 -26.58 -20.52
CA ALA B 54 -12.23 -25.61 -21.54
C ALA B 54 -13.73 -25.67 -21.87
N GLU B 55 -14.28 -26.87 -21.98
CA GLU B 55 -15.68 -27.02 -22.32
C GLU B 55 -16.62 -26.57 -21.20
N LYS B 56 -16.14 -26.64 -19.96
CA LYS B 56 -16.90 -26.11 -18.83
C LYS B 56 -16.80 -24.59 -18.84
N GLY B 57 -15.61 -24.08 -19.14
CA GLY B 57 -15.44 -22.65 -19.34
C GLY B 57 -16.37 -22.15 -20.44
N ARG B 58 -16.47 -22.91 -21.53
CA ARG B 58 -17.35 -22.55 -22.63
C ARG B 58 -18.79 -22.46 -22.13
N ALA B 59 -19.19 -23.44 -21.34
CA ALA B 59 -20.53 -23.48 -20.78
C ALA B 59 -20.80 -22.26 -19.89
N LEU B 60 -19.81 -21.86 -19.10
CA LEU B 60 -19.97 -20.69 -18.24
C LEU B 60 -20.14 -19.41 -19.07
N ILE B 61 -19.35 -19.30 -20.14
CA ILE B 61 -19.45 -18.15 -21.05
C ILE B 61 -20.85 -18.10 -21.67
N ARG B 62 -21.35 -19.26 -22.09
CA ARG B 62 -22.68 -19.34 -22.66
C ARG B 62 -23.78 -19.02 -21.65
N GLU B 63 -23.57 -19.40 -20.38
CA GLU B 63 -24.48 -19.00 -19.32
C GLU B 63 -24.59 -17.49 -19.20
N VAL B 64 -23.45 -16.79 -19.25
CA VAL B 64 -23.48 -15.34 -19.22
C VAL B 64 -24.30 -14.79 -20.38
N ARG B 65 -24.05 -15.31 -21.58
CA ARG B 65 -24.74 -14.83 -22.79
C ARG B 65 -26.24 -15.06 -22.72
N GLY B 66 -26.65 -16.08 -21.99
CA GLY B 66 -28.06 -16.37 -21.82
C GLY B 66 -28.77 -15.33 -20.97
N LEU B 67 -27.96 -14.52 -20.29
CA LEU B 67 -28.50 -13.56 -19.32
C LEU B 67 -28.22 -12.11 -19.73
N THR B 68 -27.28 -11.90 -20.65
CA THR B 68 -27.01 -10.56 -21.15
C THR B 68 -26.52 -10.56 -22.58
N ASP B 69 -26.91 -9.53 -23.33
CA ASP B 69 -26.41 -9.29 -24.69
C ASP B 69 -25.29 -8.26 -24.67
N LYS B 70 -24.89 -7.82 -23.47
CA LYS B 70 -23.90 -6.74 -23.33
C LYS B 70 -22.48 -7.31 -23.15
N PRO B 71 -21.45 -6.48 -23.38
CA PRO B 71 -20.06 -6.94 -23.21
C PRO B 71 -19.78 -7.45 -21.81
N PHE B 72 -18.95 -8.50 -21.72
CA PHE B 72 -18.46 -9.01 -20.44
C PHE B 72 -17.01 -9.50 -20.59
N ASN B 73 -16.40 -9.78 -19.43
CA ASN B 73 -14.98 -10.06 -19.28
C ASN B 73 -14.82 -11.51 -18.81
N VAL B 74 -13.92 -12.26 -19.45
CA VAL B 74 -13.61 -13.61 -19.03
C VAL B 74 -12.14 -13.68 -18.62
N ASN B 75 -11.90 -14.09 -17.38
CA ASN B 75 -10.58 -14.03 -16.77
C ASN B 75 -9.91 -15.39 -16.67
N LEU B 76 -8.62 -15.44 -16.99
CA LEU B 76 -7.82 -16.65 -16.87
C LEU B 76 -6.51 -16.39 -16.15
N PHE B 77 -6.11 -17.31 -15.29
CA PHE B 77 -4.82 -17.20 -14.62
C PHE B 77 -3.72 -17.52 -15.62
N CYS B 78 -2.63 -16.75 -15.57
CA CYS B 78 -1.51 -16.91 -16.48
C CYS B 78 -0.19 -16.98 -15.71
N HIS B 79 -0.21 -17.73 -14.62
CA HIS B 79 0.97 -17.92 -13.79
C HIS B 79 1.99 -18.82 -14.48
N ARG B 80 3.22 -18.79 -13.99
CA ARG B 80 4.19 -19.80 -14.39
C ARG B 80 3.63 -21.13 -13.91
N PRO B 81 3.53 -22.14 -14.80
CA PRO B 81 2.95 -23.42 -14.41
C PRO B 81 3.63 -24.01 -13.18
N GLY B 82 2.83 -24.47 -12.22
CA GLY B 82 3.38 -25.08 -11.02
C GLY B 82 4.13 -26.35 -11.32
N GLN B 83 5.25 -26.56 -10.62
CA GLN B 83 6.04 -27.77 -10.79
C GLN B 83 5.75 -28.73 -9.64
N ALA B 84 5.28 -29.93 -9.96
CA ALA B 84 5.04 -30.95 -8.95
C ALA B 84 6.36 -31.33 -8.28
N ASP B 85 6.29 -31.55 -6.97
CA ASP B 85 7.46 -31.90 -6.19
C ASP B 85 6.95 -32.76 -5.04
N PRO B 86 6.87 -34.09 -5.28
CA PRO B 86 6.27 -34.98 -4.29
C PRO B 86 6.89 -34.84 -2.91
N ALA B 87 8.21 -34.71 -2.81
CA ALA B 87 8.89 -34.61 -1.52
C ALA B 87 8.49 -33.33 -0.78
N ARG B 88 8.42 -32.22 -1.50
CA ARG B 88 8.03 -30.95 -0.90
C ARG B 88 6.57 -31.02 -0.49
N GLU B 89 5.76 -31.68 -1.31
CA GLU B 89 4.33 -31.76 -1.02
C GLU B 89 4.06 -32.68 0.17
N ARG B 90 4.81 -33.77 0.26
CA ARG B 90 4.67 -34.68 1.39
C ARG B 90 5.05 -34.01 2.72
N ALA B 91 6.09 -33.19 2.67
CA ALA B 91 6.54 -32.48 3.87
C ALA B 91 5.48 -31.46 4.32
N TRP B 92 4.91 -30.76 3.35
CA TRP B 92 3.84 -29.80 3.65
C TRP B 92 2.60 -30.50 4.22
N LEU B 93 2.19 -31.61 3.60
CA LEU B 93 1.06 -32.37 4.12
C LEU B 93 1.31 -32.87 5.53
N ASP B 94 2.55 -33.25 5.83
CA ASP B 94 2.89 -33.71 7.16
C ASP B 94 2.77 -32.58 8.17
N TYR B 95 3.21 -31.38 7.78
CA TYR B 95 3.08 -30.21 8.62
C TYR B 95 1.60 -29.91 8.92
N LEU B 96 0.73 -30.13 7.95
CA LEU B 96 -0.69 -29.87 8.14
C LEU B 96 -1.42 -31.00 8.82
N LYS B 97 -0.75 -32.15 8.98
CA LYS B 97 -1.43 -33.35 9.47
C LYS B 97 -2.26 -33.17 10.76
N PRO B 98 -1.71 -32.48 11.78
CA PRO B 98 -2.49 -32.32 13.01
C PRO B 98 -3.78 -31.52 12.82
N LEU B 99 -3.78 -30.58 11.88
CA LEU B 99 -4.99 -29.83 11.56
C LEU B 99 -6.06 -30.76 11.00
N PHE B 100 -5.67 -31.64 10.09
CA PHE B 100 -6.61 -32.64 9.57
C PHE B 100 -7.14 -33.53 10.69
N ALA B 101 -6.24 -33.96 11.58
CA ALA B 101 -6.61 -34.88 12.66
C ALA B 101 -7.59 -34.24 13.65
N GLU B 102 -7.46 -32.94 13.84
CA GLU B 102 -8.36 -32.18 14.70
C GLU B 102 -9.83 -32.36 14.26
N PHE B 103 -10.02 -32.63 12.97
CA PHE B 103 -11.35 -32.81 12.42
C PHE B 103 -11.61 -34.25 12.01
N GLY B 104 -10.77 -35.16 12.52
CA GLY B 104 -10.95 -36.58 12.31
C GLY B 104 -10.71 -37.02 10.88
N ALA B 105 -9.83 -36.29 10.20
CA ALA B 105 -9.57 -36.55 8.78
C ALA B 105 -8.11 -36.88 8.51
N GLU B 106 -7.86 -37.48 7.36
CA GLU B 106 -6.51 -37.67 6.84
C GLU B 106 -6.25 -36.63 5.76
N PRO B 107 -5.00 -36.15 5.67
CA PRO B 107 -4.67 -35.28 4.53
C PRO B 107 -4.70 -36.08 3.25
N PRO B 108 -4.82 -35.40 2.09
CA PRO B 108 -4.77 -36.13 0.83
C PRO B 108 -3.41 -36.80 0.65
N VAL B 109 -3.35 -37.82 -0.20
CA VAL B 109 -2.11 -38.54 -0.45
C VAL B 109 -1.21 -37.78 -1.42
N ARG B 110 -1.84 -37.17 -2.42
CA ARG B 110 -1.11 -36.40 -3.43
C ARG B 110 -1.80 -35.06 -3.63
N LEU B 111 -1.04 -34.05 -4.05
CA LEU B 111 -1.62 -32.76 -4.38
C LEU B 111 -1.73 -32.64 -5.89
N LYS B 112 -2.74 -31.90 -6.34
CA LYS B 112 -3.04 -31.78 -7.76
C LYS B 112 -2.80 -30.36 -8.24
N ASN B 113 -2.40 -30.23 -9.50
CA ASN B 113 -2.31 -28.94 -10.17
C ASN B 113 -3.70 -28.46 -10.57
N ILE B 114 -4.44 -27.96 -9.58
CA ILE B 114 -5.89 -27.72 -9.74
C ILE B 114 -6.23 -26.53 -10.62
N TYR B 115 -5.31 -25.58 -10.72
CA TYR B 115 -5.52 -24.40 -11.55
C TYR B 115 -4.50 -24.37 -12.68
N LEU B 116 -4.87 -24.89 -13.83
CA LEU B 116 -3.96 -24.90 -14.97
C LEU B 116 -3.78 -23.49 -15.50
N SER B 117 -2.54 -23.09 -15.68
CA SER B 117 -2.27 -21.78 -16.26
C SER B 117 -2.68 -21.75 -17.72
N PHE B 118 -3.00 -20.56 -18.21
CA PHE B 118 -3.26 -20.36 -19.63
C PHE B 118 -2.07 -20.86 -20.45
N LEU B 119 -0.89 -20.83 -19.84
CA LEU B 119 0.35 -21.21 -20.50
C LEU B 119 0.54 -22.73 -20.65
N GLU B 120 -0.23 -23.53 -19.90
CA GLU B 120 -0.06 -24.98 -19.93
C GLU B 120 -1.29 -25.77 -20.40
N ASP B 121 -2.41 -25.08 -20.62
CA ASP B 121 -3.61 -25.73 -21.16
C ASP B 121 -3.91 -25.18 -22.54
N PRO B 122 -3.48 -25.91 -23.59
CA PRO B 122 -3.58 -25.43 -24.97
C PRO B 122 -5.02 -25.47 -25.53
N THR B 123 -5.97 -26.01 -24.76
CA THR B 123 -7.36 -26.04 -25.21
C THR B 123 -8.10 -24.73 -24.92
N LEU B 124 -7.51 -23.89 -24.07
CA LEU B 124 -8.19 -22.66 -23.66
C LEU B 124 -8.26 -21.61 -24.76
N LEU B 125 -7.13 -21.35 -25.42
CA LEU B 125 -7.09 -20.32 -26.46
C LEU B 125 -8.07 -20.58 -27.62
N PRO B 126 -8.09 -21.83 -28.17
CA PRO B 126 -9.03 -22.10 -29.26
C PRO B 126 -10.47 -21.87 -28.84
N MET B 127 -10.81 -22.25 -27.61
CA MET B 127 -12.17 -22.08 -27.11
C MET B 127 -12.55 -20.59 -27.04
N LEU B 128 -11.64 -19.78 -26.47
CA LEU B 128 -11.88 -18.35 -26.41
C LEU B 128 -12.02 -17.70 -27.79
N LEU B 129 -11.24 -18.19 -28.75
CA LEU B 129 -11.31 -17.66 -30.11
C LEU B 129 -12.65 -17.96 -30.76
N GLU B 130 -13.26 -19.08 -30.36
CA GLU B 130 -14.59 -19.44 -30.86
C GLU B 130 -15.68 -18.62 -30.18
N GLU B 131 -15.64 -18.55 -28.86
CA GLU B 131 -16.68 -17.87 -28.08
C GLU B 131 -16.62 -16.33 -28.15
N ARG B 132 -15.43 -15.80 -28.39
CA ARG B 132 -15.20 -14.36 -28.52
C ARG B 132 -15.91 -13.46 -27.51
N PRO B 133 -15.61 -13.63 -26.21
CA PRO B 133 -16.14 -12.62 -25.27
C PRO B 133 -15.57 -11.25 -25.58
N ALA B 134 -16.24 -10.19 -25.14
CA ALA B 134 -15.81 -8.82 -25.42
C ALA B 134 -14.40 -8.56 -24.88
N ALA B 135 -14.14 -9.11 -23.69
CA ALA B 135 -12.85 -8.92 -23.06
C ALA B 135 -12.35 -10.25 -22.50
N VAL B 136 -11.04 -10.47 -22.63
CA VAL B 136 -10.40 -11.57 -21.96
C VAL B 136 -9.29 -10.97 -21.13
N SER B 137 -9.24 -11.34 -19.86
CA SER B 137 -8.26 -10.78 -18.95
C SER B 137 -7.37 -11.85 -18.37
N PHE B 138 -6.15 -11.46 -18.02
CA PHE B 138 -5.14 -12.38 -17.48
C PHE B 138 -4.57 -11.87 -16.17
N HIS B 139 -4.36 -12.82 -15.25
CA HIS B 139 -3.83 -12.55 -13.92
C HIS B 139 -2.56 -13.36 -13.73
N PHE B 140 -1.57 -12.75 -13.08
CA PHE B 140 -0.28 -13.36 -12.71
C PHE B 140 0.76 -13.31 -13.82
N GLY B 141 0.38 -12.87 -15.01
CA GLY B 141 1.31 -12.76 -16.12
C GLY B 141 0.61 -12.38 -17.39
N ALA B 142 1.39 -12.02 -18.41
CA ALA B 142 0.85 -11.72 -19.73
C ALA B 142 1.17 -12.91 -20.64
N PRO B 143 0.23 -13.31 -21.49
CA PRO B 143 0.55 -14.34 -22.51
C PRO B 143 1.55 -13.79 -23.51
N PRO B 144 2.21 -14.68 -24.27
CA PRO B 144 3.08 -14.25 -25.37
C PRO B 144 2.32 -13.33 -26.33
N ARG B 145 3.03 -12.39 -26.93
CA ARG B 145 2.43 -11.43 -27.83
C ARG B 145 1.61 -12.08 -28.95
N ASP B 146 2.10 -13.20 -29.49
CA ASP B 146 1.36 -13.87 -30.56
C ASP B 146 -0.02 -14.38 -30.14
N GLN B 147 -0.17 -14.75 -28.86
CA GLN B 147 -1.47 -15.19 -28.37
C GLN B 147 -2.39 -14.02 -28.09
N VAL B 148 -1.85 -12.93 -27.54
CA VAL B 148 -2.61 -11.70 -27.38
C VAL B 148 -3.12 -11.23 -28.73
N ARG B 149 -2.25 -11.26 -29.74
CA ARG B 149 -2.63 -10.88 -31.10
C ARG B 149 -3.71 -11.78 -31.69
N ALA B 150 -3.65 -13.07 -31.40
CA ALA B 150 -4.65 -14.01 -31.91
C ALA B 150 -6.04 -13.63 -31.38
N LEU B 151 -6.11 -13.34 -30.08
CA LEU B 151 -7.36 -12.88 -29.48
C LEU B 151 -7.84 -11.56 -30.11
N GLN B 152 -6.94 -10.60 -30.26
CA GLN B 152 -7.31 -9.30 -30.83
C GLN B 152 -7.76 -9.43 -32.29
N ALA B 153 -7.24 -10.44 -32.98
CA ALA B 153 -7.55 -10.62 -34.39
C ALA B 153 -9.03 -10.94 -34.61
N VAL B 154 -9.67 -11.50 -33.60
CA VAL B 154 -11.10 -11.78 -33.70
C VAL B 154 -11.94 -10.77 -32.89
N GLY B 155 -11.32 -9.65 -32.51
CA GLY B 155 -12.04 -8.53 -31.92
C GLY B 155 -12.11 -8.49 -30.41
N ILE B 156 -11.43 -9.41 -29.75
CA ILE B 156 -11.40 -9.47 -28.29
C ILE B 156 -10.46 -8.41 -27.73
N ARG B 157 -10.90 -7.67 -26.72
CA ARG B 157 -10.03 -6.75 -26.00
C ARG B 157 -9.31 -7.51 -24.88
N VAL B 158 -7.99 -7.34 -24.79
CA VAL B 158 -7.18 -8.09 -23.84
C VAL B 158 -6.69 -7.19 -22.71
N LEU B 159 -7.01 -7.59 -21.48
CA LEU B 159 -6.58 -6.87 -20.28
C LEU B 159 -5.59 -7.75 -19.55
N VAL B 160 -4.57 -7.15 -18.96
CA VAL B 160 -3.66 -7.90 -18.07
C VAL B 160 -3.41 -7.10 -16.82
N CYS B 161 -3.43 -7.79 -15.68
CA CYS B 161 -3.16 -7.16 -14.39
C CYS B 161 -1.66 -7.00 -14.17
N ALA B 162 -1.26 -5.85 -13.64
CA ALA B 162 0.12 -5.54 -13.27
C ALA B 162 0.14 -4.87 -11.88
N THR B 163 1.17 -5.18 -11.10
CA THR B 163 1.32 -4.59 -9.76
C THR B 163 2.46 -3.57 -9.67
N THR B 164 3.24 -3.45 -10.74
CA THR B 164 4.38 -2.53 -10.76
C THR B 164 4.55 -1.93 -12.17
N PRO B 165 5.30 -0.83 -12.28
CA PRO B 165 5.60 -0.32 -13.62
C PRO B 165 6.39 -1.33 -14.45
N GLU B 166 7.22 -2.16 -13.83
CA GLU B 166 7.99 -3.17 -14.57
C GLU B 166 7.09 -4.23 -15.18
N GLU B 167 6.08 -4.66 -14.43
CA GLU B 167 5.08 -5.58 -14.96
C GLU B 167 4.24 -4.92 -16.03
N ALA B 168 3.90 -3.64 -15.83
CA ALA B 168 3.14 -2.89 -16.83
C ALA B 168 3.92 -2.83 -18.14
N ALA B 169 5.24 -2.71 -18.07
CA ALA B 169 6.03 -2.69 -19.28
C ALA B 169 5.90 -4.01 -20.05
N LEU B 170 5.85 -5.12 -19.31
CA LEU B 170 5.63 -6.44 -19.92
C LEU B 170 4.24 -6.53 -20.54
N VAL B 171 3.25 -5.90 -19.90
CA VAL B 171 1.90 -5.84 -20.47
C VAL B 171 1.88 -5.07 -21.80
N GLU B 172 2.58 -3.94 -21.84
CA GLU B 172 2.68 -3.16 -23.08
C GLU B 172 3.44 -3.94 -24.15
N ALA B 173 4.52 -4.61 -23.75
CA ALA B 173 5.29 -5.46 -24.68
C ALA B 173 4.45 -6.60 -25.28
N ALA B 174 3.50 -7.11 -24.50
CA ALA B 174 2.61 -8.17 -24.97
C ALA B 174 1.52 -7.63 -25.90
N GLY B 175 1.39 -6.31 -25.95
CA GLY B 175 0.43 -5.65 -26.83
C GLY B 175 -1.00 -5.62 -26.34
N ALA B 176 -1.21 -5.75 -25.04
CA ALA B 176 -2.55 -5.74 -24.47
C ALA B 176 -3.27 -4.42 -24.75
N ASP B 177 -4.60 -4.45 -24.66
CA ASP B 177 -5.40 -3.24 -24.86
C ASP B 177 -5.50 -2.35 -23.62
N ALA B 178 -5.35 -2.94 -22.44
CA ALA B 178 -5.43 -2.16 -21.20
C ALA B 178 -4.69 -2.87 -20.08
N VAL B 179 -4.20 -2.09 -19.12
CA VAL B 179 -3.53 -2.66 -17.94
C VAL B 179 -4.41 -2.47 -16.71
N VAL B 180 -4.58 -3.53 -15.93
CA VAL B 180 -5.32 -3.43 -14.68
C VAL B 180 -4.30 -3.24 -13.58
N ALA B 181 -4.22 -2.02 -13.05
CA ALA B 181 -3.25 -1.66 -12.01
C ALA B 181 -3.76 -2.10 -10.65
N GLN B 182 -3.19 -3.16 -10.11
CA GLN B 182 -3.66 -3.70 -8.83
C GLN B 182 -2.76 -3.24 -7.68
N GLY B 183 -3.33 -2.39 -6.82
CA GLY B 183 -2.62 -1.86 -5.68
C GLY B 183 -2.63 -2.82 -4.52
N ILE B 184 -1.83 -2.50 -3.51
CA ILE B 184 -1.69 -3.35 -2.33
C ILE B 184 -3.03 -3.50 -1.58
N GLU B 185 -3.92 -2.51 -1.73
CA GLU B 185 -5.25 -2.56 -1.14
C GLU B 185 -6.08 -3.76 -1.60
N ALA B 186 -5.79 -4.28 -2.78
CA ALA B 186 -6.69 -5.23 -3.42
C ALA B 186 -6.92 -6.53 -2.65
N GLY B 187 -8.16 -7.02 -2.73
CA GLY B 187 -8.47 -8.31 -2.13
C GLY B 187 -8.07 -9.47 -3.01
N GLY B 188 -7.98 -10.65 -2.42
CA GLY B 188 -7.67 -11.85 -3.21
C GLY B 188 -6.21 -11.91 -3.62
N SER B 189 -5.93 -12.68 -4.68
CA SER B 189 -4.55 -12.96 -5.06
C SER B 189 -3.86 -11.77 -5.69
N ARG B 190 -2.66 -11.47 -5.21
CA ARG B 190 -1.84 -10.42 -5.80
C ARG B 190 -1.34 -10.83 -7.17
N GLY B 191 -1.41 -9.89 -8.10
CA GLY B 191 -1.04 -10.17 -9.48
C GLY B 191 0.45 -10.17 -9.78
N VAL B 192 1.27 -10.33 -8.75
CA VAL B 192 2.74 -10.30 -8.90
C VAL B 192 3.21 -11.40 -9.87
N PHE B 193 4.00 -11.04 -10.87
CA PHE B 193 4.38 -12.00 -11.92
C PHE B 193 5.38 -13.03 -11.39
N GLU B 194 6.37 -12.54 -10.65
CA GLU B 194 7.47 -13.38 -10.18
C GLU B 194 7.69 -13.15 -8.69
N PRO B 195 6.83 -13.76 -7.85
CA PRO B 195 6.86 -13.57 -6.40
C PRO B 195 8.19 -13.94 -5.75
N GLU B 196 8.95 -14.84 -6.39
CA GLU B 196 10.22 -15.26 -5.83
C GLU B 196 11.24 -14.11 -5.83
N ARG B 197 10.99 -13.10 -6.65
CA ARG B 197 11.84 -11.90 -6.70
C ARG B 197 11.45 -10.86 -5.66
N GLY B 198 10.40 -11.15 -4.90
CA GLY B 198 9.88 -10.19 -3.94
C GLY B 198 8.61 -9.52 -4.42
N ASP B 199 8.10 -8.61 -3.60
CA ASP B 199 6.86 -7.91 -3.92
C ASP B 199 7.03 -6.45 -3.51
N ALA B 200 7.03 -5.57 -4.51
CA ALA B 200 7.17 -4.14 -4.25
C ALA B 200 6.00 -3.60 -3.41
N ALA B 201 4.85 -4.28 -3.45
CA ALA B 201 3.70 -3.93 -2.62
C ALA B 201 3.35 -2.45 -2.71
N ILE B 202 3.11 -2.00 -3.94
CA ILE B 202 2.82 -0.60 -4.21
C ILE B 202 1.32 -0.31 -4.00
N GLY B 203 1.01 0.76 -3.27
CA GLY B 203 -0.37 1.15 -3.04
C GLY B 203 -1.05 1.65 -4.30
N THR B 204 -2.38 1.57 -4.30
CA THR B 204 -3.17 1.95 -5.46
C THR B 204 -2.90 3.38 -5.90
N LEU B 205 -2.84 4.30 -4.95
CA LEU B 205 -2.68 5.73 -5.28
C LEU B 205 -1.37 5.97 -6.03
N ALA B 206 -0.27 5.37 -5.56
CA ALA B 206 1.00 5.49 -6.28
C ALA B 206 0.98 4.73 -7.61
N LEU B 207 0.49 3.50 -7.60
CA LEU B 207 0.59 2.64 -8.78
C LEU B 207 -0.20 3.21 -9.96
N VAL B 208 -1.44 3.59 -9.71
CA VAL B 208 -2.28 4.13 -10.77
C VAL B 208 -1.63 5.38 -11.38
N ARG B 209 -1.14 6.27 -10.52
CA ARG B 209 -0.50 7.49 -11.00
C ARG B 209 0.74 7.17 -11.83
N LEU B 210 1.54 6.21 -11.36
CA LEU B 210 2.75 5.84 -12.07
C LEU B 210 2.44 5.34 -13.47
N LEU B 211 1.42 4.48 -13.60
CA LEU B 211 1.09 3.89 -14.88
C LEU B 211 0.43 4.90 -15.81
N ALA B 212 -0.42 5.77 -15.26
CA ALA B 212 -1.10 6.75 -16.10
C ALA B 212 -0.15 7.88 -16.51
N ALA B 213 0.76 8.27 -15.63
CA ALA B 213 1.68 9.38 -15.91
C ALA B 213 2.82 8.99 -16.83
N ARG B 214 3.26 7.73 -16.76
CA ARG B 214 4.49 7.32 -17.45
C ARG B 214 4.30 6.28 -18.55
N GLY B 215 3.13 5.68 -18.61
CA GLY B 215 2.87 4.63 -19.57
C GLY B 215 1.94 5.06 -20.70
N SER B 216 1.56 4.10 -21.53
CA SER B 216 0.78 4.38 -22.74
C SER B 216 -0.65 3.86 -22.64
N LEU B 217 -0.82 2.67 -22.09
CA LEU B 217 -2.10 1.98 -22.09
C LEU B 217 -3.13 2.63 -21.15
N PRO B 218 -4.42 2.49 -21.50
CA PRO B 218 -5.48 2.87 -20.55
C PRO B 218 -5.30 2.05 -19.27
N VAL B 219 -5.45 2.71 -18.13
CA VAL B 219 -5.24 2.07 -16.83
C VAL B 219 -6.57 1.84 -16.13
N VAL B 220 -6.77 0.60 -15.71
CA VAL B 220 -7.93 0.25 -14.88
C VAL B 220 -7.45 0.14 -13.42
N ALA B 221 -7.93 1.03 -12.57
CA ALA B 221 -7.52 1.03 -11.15
C ALA B 221 -8.23 -0.06 -10.36
N ALA B 222 -7.45 -0.89 -9.65
CA ALA B 222 -8.01 -1.96 -8.85
C ALA B 222 -7.37 -1.99 -7.46
N GLY B 223 -8.21 -1.92 -6.42
CA GLY B 223 -7.73 -2.15 -5.07
C GLY B 223 -8.19 -1.06 -4.12
N GLY B 224 -9.15 -1.38 -3.27
CA GLY B 224 -9.60 -0.46 -2.23
C GLY B 224 -10.73 0.48 -2.61
N ILE B 225 -11.21 0.39 -3.84
CA ILE B 225 -12.27 1.30 -4.32
C ILE B 225 -13.64 0.73 -3.98
N MET B 226 -14.43 1.48 -3.19
CA MET B 226 -15.68 0.96 -2.62
C MET B 226 -16.89 1.83 -2.89
N ASP B 227 -16.67 3.00 -3.46
CA ASP B 227 -17.74 3.95 -3.67
C ASP B 227 -17.37 4.94 -4.79
N GLY B 228 -18.31 5.83 -5.12
CA GLY B 228 -18.07 6.76 -6.21
C GLY B 228 -16.93 7.72 -5.92
N ARG B 229 -16.73 8.08 -4.65
CA ARG B 229 -15.59 8.92 -4.28
C ARG B 229 -14.28 8.23 -4.67
N GLY B 230 -14.17 6.94 -4.42
CA GLY B 230 -13.00 6.17 -4.81
C GLY B 230 -12.82 6.12 -6.31
N ILE B 231 -13.93 5.96 -7.04
CA ILE B 231 -13.89 5.94 -8.50
C ILE B 231 -13.42 7.29 -9.02
N ARG B 232 -13.98 8.37 -8.49
CA ARG B 232 -13.55 9.71 -8.86
C ARG B 232 -12.08 9.94 -8.57
N ALA B 233 -11.60 9.41 -7.44
CA ALA B 233 -10.21 9.56 -7.06
C ALA B 233 -9.31 8.86 -8.08
N ALA B 234 -9.70 7.65 -8.47
CA ALA B 234 -8.96 6.88 -9.46
C ALA B 234 -8.91 7.61 -10.80
N LEU B 235 -10.03 8.18 -11.23
CA LEU B 235 -10.05 8.94 -12.47
C LEU B 235 -9.14 10.17 -12.39
N GLU B 236 -9.11 10.82 -11.23
CA GLU B 236 -8.23 11.98 -11.05
C GLU B 236 -6.77 11.57 -11.19
N LEU B 237 -6.44 10.36 -10.74
CA LEU B 237 -5.07 9.85 -10.86
C LEU B 237 -4.71 9.49 -12.30
N GLY B 238 -5.71 9.48 -13.19
CA GLY B 238 -5.45 9.21 -14.58
C GLY B 238 -5.97 7.86 -15.06
N ALA B 239 -6.65 7.11 -14.20
CA ALA B 239 -7.25 5.86 -14.66
C ALA B 239 -8.35 6.11 -15.67
N SER B 240 -8.56 5.14 -16.56
CA SER B 240 -9.66 5.20 -17.52
C SER B 240 -10.89 4.43 -17.04
N ALA B 241 -10.70 3.59 -16.02
CA ALA B 241 -11.80 2.83 -15.44
C ALA B 241 -11.35 2.29 -14.10
N VAL B 242 -12.27 1.63 -13.41
CA VAL B 242 -11.96 0.93 -12.17
C VAL B 242 -12.41 -0.53 -12.23
N GLN B 243 -11.81 -1.34 -11.37
CA GLN B 243 -12.19 -2.73 -11.19
C GLN B 243 -12.38 -2.95 -9.71
N MET B 244 -13.55 -3.48 -9.34
CA MET B 244 -13.96 -3.55 -7.95
C MET B 244 -14.39 -4.98 -7.65
N GLY B 245 -13.73 -5.59 -6.67
CA GLY B 245 -14.05 -6.95 -6.26
C GLY B 245 -14.84 -6.98 -4.98
N THR B 246 -14.21 -6.58 -3.90
CA THR B 246 -14.81 -6.61 -2.56
C THR B 246 -16.20 -5.98 -2.54
N ALA B 247 -16.37 -4.86 -3.27
CA ALA B 247 -17.66 -4.17 -3.31
C ALA B 247 -18.82 -5.04 -3.81
N PHE B 248 -18.52 -6.03 -4.63
CA PHE B 248 -19.56 -6.91 -5.16
C PHE B 248 -19.71 -8.25 -4.45
N VAL B 249 -18.86 -8.54 -3.48
CA VAL B 249 -18.93 -9.82 -2.78
C VAL B 249 -20.27 -10.06 -2.09
N LEU B 250 -20.84 -9.02 -1.49
CA LEU B 250 -22.09 -9.15 -0.76
C LEU B 250 -23.34 -9.13 -1.65
N CYS B 251 -23.17 -8.86 -2.94
CA CYS B 251 -24.33 -8.93 -3.84
C CYS B 251 -24.92 -10.33 -3.78
N PRO B 252 -26.26 -10.43 -3.77
CA PRO B 252 -26.88 -11.75 -3.73
C PRO B 252 -26.49 -12.61 -4.93
N GLU B 253 -26.14 -11.98 -6.05
CA GLU B 253 -25.75 -12.72 -7.24
C GLU B 253 -24.40 -13.42 -7.12
N SER B 254 -23.60 -13.06 -6.13
CA SER B 254 -22.29 -13.70 -5.98
C SER B 254 -22.45 -15.08 -5.35
N SER B 255 -21.42 -15.92 -5.46
CA SER B 255 -21.44 -17.22 -4.81
C SER B 255 -20.68 -17.28 -3.48
N ALA B 256 -20.47 -16.14 -2.83
CA ALA B 256 -19.95 -16.14 -1.47
C ALA B 256 -20.91 -16.93 -0.58
N ASN B 257 -20.40 -17.81 0.26
CA ASN B 257 -21.31 -18.53 1.16
C ASN B 257 -21.73 -17.66 2.33
N ALA B 258 -22.65 -18.16 3.16
CA ALA B 258 -23.19 -17.34 4.26
C ALA B 258 -22.12 -16.90 5.27
N ALA B 259 -21.19 -17.81 5.58
CA ALA B 259 -20.14 -17.51 6.55
C ALA B 259 -19.26 -16.36 6.04
N TYR B 260 -18.97 -16.38 4.75
CA TYR B 260 -18.17 -15.34 4.09
C TYR B 260 -18.92 -14.00 4.13
N ARG B 261 -20.20 -14.03 3.77
CA ARG B 261 -21.00 -12.81 3.81
C ARG B 261 -21.07 -12.22 5.23
N GLU B 262 -21.34 -13.08 6.22
CA GLU B 262 -21.41 -12.61 7.59
C GLU B 262 -20.05 -12.10 8.11
N ALA B 263 -18.98 -12.77 7.69
CA ALA B 263 -17.64 -12.33 8.09
C ALA B 263 -17.32 -10.94 7.53
N LEU B 264 -17.65 -10.72 6.26
CA LEU B 264 -17.36 -9.44 5.63
C LEU B 264 -18.23 -8.32 6.18
N LYS B 265 -19.44 -8.65 6.62
CA LYS B 265 -20.32 -7.64 7.19
C LYS B 265 -20.00 -7.29 8.64
N GLY B 266 -19.33 -8.21 9.35
CA GLY B 266 -19.11 -8.05 10.78
C GLY B 266 -17.78 -7.44 11.18
N PRO B 267 -17.40 -7.58 12.45
CA PRO B 267 -16.24 -6.87 12.98
C PRO B 267 -14.90 -7.32 12.36
N ARG B 268 -14.87 -8.50 11.75
CA ARG B 268 -13.61 -8.96 11.17
C ARG B 268 -13.18 -8.11 9.98
N ALA B 269 -14.14 -7.40 9.38
CA ALA B 269 -13.82 -6.52 8.25
C ALA B 269 -12.86 -5.38 8.59
N ALA B 270 -12.60 -5.17 9.87
CA ALA B 270 -11.70 -4.09 10.30
C ALA B 270 -10.22 -4.42 10.05
N ARG B 271 -9.92 -5.67 9.71
CA ARG B 271 -8.54 -6.04 9.44
C ARG B 271 -8.44 -7.07 8.33
N THR B 272 -7.61 -6.76 7.33
CA THR B 272 -7.22 -7.75 6.34
C THR B 272 -5.72 -7.97 6.45
N ALA B 273 -5.24 -9.09 5.90
CA ALA B 273 -3.81 -9.38 5.86
C ALA B 273 -3.50 -10.22 4.64
N LEU B 274 -2.22 -10.30 4.31
CA LEU B 274 -1.74 -11.14 3.23
C LEU B 274 -1.29 -12.47 3.77
N THR B 275 -1.52 -13.51 3.00
CA THR B 275 -1.06 -14.86 3.36
C THR B 275 -0.59 -15.58 2.10
N VAL B 276 0.50 -16.34 2.24
CA VAL B 276 0.95 -17.22 1.17
C VAL B 276 0.64 -18.67 1.50
N THR B 277 0.21 -18.91 2.74
CA THR B 277 0.04 -20.28 3.21
C THR B 277 -1.31 -20.90 2.83
N MET B 278 -2.27 -20.07 2.42
CA MET B 278 -3.55 -20.55 1.94
C MET B 278 -3.44 -21.23 0.57
N SER B 279 -2.78 -20.56 -0.38
CA SER B 279 -2.83 -21.02 -1.76
C SER B 279 -1.47 -21.26 -2.36
N GLY B 280 -0.42 -20.76 -1.71
CA GLY B 280 0.91 -20.82 -2.28
C GLY B 280 1.31 -19.54 -2.98
N ARG B 281 0.37 -18.60 -3.09
CA ARG B 281 0.64 -17.27 -3.64
C ARG B 281 0.02 -16.22 -2.73
N SER B 282 0.72 -15.10 -2.57
CA SER B 282 0.25 -14.02 -1.70
C SER B 282 -1.17 -13.55 -2.06
N ALA B 283 -2.04 -13.50 -1.07
CA ALA B 283 -3.45 -13.16 -1.30
C ALA B 283 -3.99 -12.47 -0.05
N ARG B 284 -4.90 -11.51 -0.25
CA ARG B 284 -5.43 -10.71 0.86
C ARG B 284 -6.83 -11.10 1.29
N GLY B 285 -7.01 -11.35 2.58
CA GLY B 285 -8.34 -11.64 3.08
C GLY B 285 -8.45 -11.42 4.57
N LEU B 286 -9.58 -11.88 5.11
CA LEU B 286 -9.87 -11.76 6.52
C LEU B 286 -9.12 -12.87 7.25
N PRO B 287 -8.18 -12.51 8.12
CA PRO B 287 -7.26 -13.55 8.63
C PRO B 287 -7.94 -14.61 9.49
N ASN B 288 -7.44 -15.82 9.37
CA ASN B 288 -7.91 -16.93 10.18
C ASN B 288 -6.78 -17.93 10.40
N ARG B 289 -7.12 -19.19 10.67
CA ARG B 289 -6.10 -20.18 11.00
C ARG B 289 -5.16 -20.55 9.85
N MET B 290 -5.56 -20.23 8.62
CA MET B 290 -4.69 -20.47 7.48
C MET B 290 -3.73 -19.31 7.21
N PHE B 291 -3.74 -18.30 8.09
CA PHE B 291 -2.86 -17.14 7.95
C PHE B 291 -1.72 -17.24 8.97
N PHE B 292 -0.63 -17.89 8.58
CA PHE B 292 0.54 -17.96 9.45
C PHE B 292 1.83 -17.64 8.70
N ASP B 293 2.90 -17.37 9.46
CA ASP B 293 4.18 -17.00 8.89
C ASP B 293 4.84 -18.22 8.27
N ALA B 294 5.05 -18.18 6.96
CA ALA B 294 5.69 -19.28 6.25
C ALA B 294 7.18 -19.38 6.60
N ALA B 295 7.72 -18.31 7.18
CA ALA B 295 9.15 -18.26 7.50
C ALA B 295 9.43 -18.58 8.98
N ALA B 296 8.39 -18.95 9.72
CA ALA B 296 8.54 -19.27 11.14
C ALA B 296 9.35 -20.56 11.34
N PRO B 297 10.01 -20.69 12.49
CA PRO B 297 10.71 -21.93 12.85
C PRO B 297 9.81 -23.16 12.75
N GLY B 298 10.26 -24.18 12.01
CA GLY B 298 9.52 -25.42 11.93
C GLY B 298 8.56 -25.55 10.76
N VAL B 299 8.33 -24.45 10.04
CA VAL B 299 7.49 -24.49 8.85
C VAL B 299 8.35 -24.91 7.66
N PRO B 300 8.01 -26.03 7.01
CA PRO B 300 8.79 -26.50 5.85
C PRO B 300 8.51 -25.66 4.60
N PRO B 301 9.37 -25.79 3.57
CA PRO B 301 9.17 -25.05 2.32
C PRO B 301 7.79 -25.27 1.70
N LEU B 302 7.24 -24.19 1.17
CA LEU B 302 5.96 -24.22 0.49
C LEU B 302 6.07 -24.99 -0.82
N PRO B 303 5.11 -25.89 -1.09
CA PRO B 303 5.00 -26.42 -2.45
C PRO B 303 4.64 -25.29 -3.42
N ASP B 304 4.72 -25.56 -4.73
CA ASP B 304 4.38 -24.54 -5.71
C ASP B 304 2.89 -24.19 -5.66
N TYR B 305 2.56 -22.97 -6.07
CA TYR B 305 1.19 -22.65 -6.42
C TYR B 305 0.89 -23.44 -7.70
N PRO B 306 -0.32 -24.01 -7.82
CA PRO B 306 -1.48 -23.97 -6.94
C PRO B 306 -1.66 -25.23 -6.11
N PHE B 307 -0.63 -26.07 -6.05
CA PHE B 307 -0.66 -27.31 -5.26
C PHE B 307 -1.02 -27.03 -3.80
N VAL B 308 -0.48 -25.94 -3.25
CA VAL B 308 -0.79 -25.59 -1.87
C VAL B 308 -2.29 -25.43 -1.65
N TYR B 309 -2.96 -24.77 -2.60
CA TYR B 309 -4.39 -24.55 -2.43
C TYR B 309 -5.21 -25.85 -2.46
N ASP B 310 -4.72 -26.84 -3.18
CA ASP B 310 -5.36 -28.15 -3.19
C ASP B 310 -5.34 -28.76 -1.78
N ALA B 311 -4.20 -28.63 -1.12
CA ALA B 311 -4.05 -29.10 0.26
C ALA B 311 -5.03 -28.35 1.17
N THR B 312 -5.06 -27.03 1.02
CA THR B 312 -5.93 -26.20 1.83
C THR B 312 -7.42 -26.52 1.62
N LYS B 313 -7.81 -26.74 0.37
CA LYS B 313 -9.20 -27.10 0.06
C LYS B 313 -9.60 -28.40 0.74
N ALA B 314 -8.69 -29.36 0.78
CA ALA B 314 -8.95 -30.62 1.50
C ALA B 314 -9.18 -30.35 2.98
N LEU B 315 -8.36 -29.49 3.57
CA LEU B 315 -8.51 -29.13 4.98
C LEU B 315 -9.82 -28.39 5.21
N GLN B 316 -10.16 -27.49 4.28
CA GLN B 316 -11.42 -26.76 4.36
C GLN B 316 -12.60 -27.72 4.35
N THR B 317 -12.54 -28.72 3.49
CA THR B 317 -13.58 -29.74 3.44
C THR B 317 -13.73 -30.48 4.77
N ALA B 318 -12.61 -30.92 5.33
CA ALA B 318 -12.63 -31.61 6.63
C ALA B 318 -13.19 -30.73 7.75
N ALA B 319 -12.75 -29.48 7.81
CA ALA B 319 -13.21 -28.55 8.83
C ALA B 319 -14.70 -28.26 8.65
N LEU B 320 -15.13 -28.07 7.41
CA LEU B 320 -16.53 -27.81 7.10
C LEU B 320 -17.45 -28.93 7.59
N ALA B 321 -16.97 -30.17 7.47
CA ALA B 321 -17.76 -31.34 7.87
C ALA B 321 -18.03 -31.35 9.38
N ARG B 322 -17.25 -30.57 10.12
CA ARG B 322 -17.39 -30.49 11.56
C ARG B 322 -17.92 -29.13 11.99
N GLY B 323 -18.46 -28.37 11.04
CA GLY B 323 -19.02 -27.07 11.31
C GLY B 323 -18.01 -25.97 11.61
N ASN B 324 -16.79 -26.13 11.11
CA ASN B 324 -15.72 -25.18 11.40
C ASN B 324 -15.35 -24.38 10.16
N HIS B 325 -15.40 -23.06 10.27
CA HIS B 325 -15.11 -22.19 9.12
C HIS B 325 -13.81 -21.42 9.25
N ASP B 326 -12.95 -21.83 10.18
CA ASP B 326 -11.74 -21.06 10.49
C ASP B 326 -10.61 -21.25 9.47
N PHE B 327 -10.89 -21.93 8.37
CA PHE B 327 -9.87 -22.17 7.34
C PHE B 327 -10.33 -21.68 5.98
N ALA B 328 -11.47 -21.00 5.97
CA ALA B 328 -12.09 -20.50 4.75
C ALA B 328 -11.26 -19.42 4.04
N ALA B 329 -11.39 -19.37 2.70
CA ALA B 329 -10.83 -18.28 1.92
C ALA B 329 -11.89 -17.18 1.83
N GLN B 330 -11.71 -16.14 2.64
CA GLN B 330 -12.63 -15.03 2.67
C GLN B 330 -11.87 -13.79 2.25
N TRP B 331 -11.72 -13.65 0.93
CA TRP B 331 -10.90 -12.59 0.39
C TRP B 331 -11.60 -11.25 0.48
N ALA B 332 -10.81 -10.21 0.77
CA ALA B 332 -11.36 -8.87 0.92
C ALA B 332 -10.24 -7.87 0.86
N GLY B 333 -10.52 -6.71 0.25
CA GLY B 333 -9.55 -5.65 0.12
C GLY B 333 -9.55 -4.71 1.31
N GLN B 334 -8.67 -3.72 1.30
CA GLN B 334 -8.51 -2.87 2.48
C GLN B 334 -9.63 -1.85 2.66
N GLY B 335 -10.58 -1.82 1.73
CA GLY B 335 -11.79 -1.03 1.91
C GLY B 335 -12.95 -1.84 2.46
N ALA B 336 -12.65 -3.03 2.98
CA ALA B 336 -13.70 -3.99 3.42
C ALA B 336 -14.74 -3.40 4.36
N ALA B 337 -14.32 -2.50 5.24
CA ALA B 337 -15.24 -1.90 6.23
C ALA B 337 -16.36 -1.09 5.56
N LEU B 338 -16.16 -0.73 4.29
CA LEU B 338 -17.12 0.08 3.53
C LEU B 338 -18.02 -0.75 2.62
N ALA B 339 -17.99 -2.07 2.78
CA ALA B 339 -18.81 -2.95 1.96
C ALA B 339 -20.30 -2.72 2.20
N ARG B 340 -21.07 -2.85 1.12
CA ARG B 340 -22.52 -2.69 1.17
C ARG B 340 -23.14 -3.93 0.54
N GLU B 341 -24.39 -4.19 0.89
CA GLU B 341 -25.09 -5.40 0.48
C GLU B 341 -26.31 -4.99 -0.33
N LEU B 342 -26.19 -5.11 -1.65
CA LEU B 342 -27.25 -4.70 -2.58
C LEU B 342 -27.26 -5.63 -3.77
N PRO B 343 -28.43 -5.77 -4.42
CA PRO B 343 -28.47 -6.40 -5.74
C PRO B 343 -27.44 -5.72 -6.65
N ALA B 344 -26.73 -6.51 -7.42
CA ALA B 344 -25.61 -5.99 -8.22
C ALA B 344 -25.99 -4.81 -9.11
N ALA B 345 -27.16 -4.88 -9.74
CA ALA B 345 -27.57 -3.78 -10.62
C ALA B 345 -27.83 -2.52 -9.80
N GLU B 346 -28.34 -2.70 -8.59
CA GLU B 346 -28.61 -1.56 -7.71
C GLU B 346 -27.31 -0.94 -7.19
N LEU B 347 -26.33 -1.78 -6.89
CA LEU B 347 -25.02 -1.29 -6.49
C LEU B 347 -24.37 -0.51 -7.63
N LEU B 348 -24.44 -1.06 -8.84
CA LEU B 348 -23.87 -0.38 -10.01
C LEU B 348 -24.53 1.00 -10.17
N ARG B 349 -25.86 1.05 -10.09
CA ARG B 349 -26.57 2.34 -10.19
C ARG B 349 -26.15 3.35 -9.11
N THR B 350 -25.95 2.86 -7.89
CA THR B 350 -25.52 3.71 -6.77
C THR B 350 -24.12 4.26 -7.02
N LEU B 351 -23.23 3.40 -7.48
CA LEU B 351 -21.85 3.81 -7.78
C LEU B 351 -21.84 4.88 -8.86
N VAL B 352 -22.69 4.72 -9.88
CA VAL B 352 -22.78 5.70 -10.94
C VAL B 352 -23.29 7.05 -10.42
N GLU B 353 -24.30 7.03 -9.56
CA GLU B 353 -24.80 8.25 -8.94
C GLU B 353 -23.71 8.93 -8.10
N GLU B 354 -22.96 8.13 -7.34
CA GLU B 354 -21.88 8.65 -6.51
C GLU B 354 -20.75 9.21 -7.37
N LEU B 355 -20.47 8.56 -8.48
CA LEU B 355 -19.44 8.99 -9.42
C LEU B 355 -19.79 10.35 -10.03
N ARG B 356 -21.06 10.53 -10.38
CA ARG B 356 -21.51 11.78 -10.95
C ARG B 356 -21.63 12.86 -9.88
#